data_4RN0
#
_entry.id   4RN0
#
_cell.length_a   53.921
_cell.length_b   85.006
_cell.length_c   94.665
_cell.angle_alpha   90.00
_cell.angle_beta   100.33
_cell.angle_gamma   90.00
#
_symmetry.space_group_name_H-M   'P 1 21 1'
#
loop_
_entity.id
_entity.type
_entity.pdbx_description
1 polymer 'Histone deacetylase 8'
2 non-polymer (5R,8S,11S)-5-methyl-8-(propan-2-yl)-11-[(1E)-4-sulfanylbut-1-en-1-yl]-3,17-dithia-7,10,14,19,20-pentaazatricyclo[14.2.1.1~2,5~]icosa-1(18),2(20),16(19)-triene-6,9,13-trione
3 non-polymer 'ZINC ION'
4 non-polymer 'POTASSIUM ION'
5 non-polymer IMIDAZOLE
6 non-polymer GLYCEROL
7 water water
#
_entity_poly.entity_id   1
_entity_poly.type   'polypeptide(L)'
_entity_poly.pdbx_seq_one_letter_code
;MEEPEEPADSGQSLVPVYIYSPEYVSMCDSLAKIPKRADMVHSLIEAYALHKQMRIVKPKVASMEEMATFHTDAYLQHLQ
KVSQEGDDDHPDSIEYGLGYDCPATEGIFDYAAAIGGATITAAQCLIDGMCKVAINWSGGWHHAKKDEASGFCYLNDAVL
GILRLRRKFERILYVDLDLHHGDGVEDAFSFTSKVMTVSLHKFSPGFFPGTGDVSDVGLGKGRYYSVNVPIQDGIQDEKY
YQICESVLKEVYQAFNPKAVVLQLGADTIAGDPMCSFNMTPVGIGKCLKYILQWQLATLILGGGGYNLANTARCWTYLTG
VILGKTLSSEIPDHEFFTAYGPDYVLEITPSCRPDRNEPHRIQQILNYIKGNLKHVVIEGRGSHHHHHH
;
_entity_poly.pdbx_strand_id   A,B
#
loop_
_chem_comp.id
_chem_comp.type
_chem_comp.name
_chem_comp.formula
GOL non-polymer GLYCEROL 'C3 H8 O3'
IMD non-polymer IMIDAZOLE 'C3 H5 N2 1'
K non-polymer 'POTASSIUM ION' 'K 1'
L6G non-polymer (5R,8S,11S)-5-methyl-8-(propan-2-yl)-11-[(1E)-4-sulfanylbut-1-en-1-yl]-3,17-dithia-7,10,14,19,20-pentaazatricyclo[14.2.1.1~2,5~]icosa-1(18),2(20),16(19)-triene-6,9,13-trione 'C21 H29 N5 O3 S3'
ZN non-polymer 'ZINC ION' 'Zn 2'
#
# COMPACT_ATOMS: atom_id res chain seq x y z
N LEU A 14 -15.76 9.18 -35.88
CA LEU A 14 -14.98 10.24 -35.26
C LEU A 14 -15.33 10.43 -33.78
N VAL A 15 -16.50 9.92 -33.39
CA VAL A 15 -16.90 9.90 -31.99
C VAL A 15 -16.11 8.80 -31.27
N PRO A 16 -15.60 9.06 -30.05
CA PRO A 16 -14.86 7.99 -29.36
C PRO A 16 -15.75 6.82 -28.96
N VAL A 17 -15.17 5.63 -28.93
CA VAL A 17 -15.88 4.47 -28.43
C VAL A 17 -15.65 4.38 -26.94
N TYR A 18 -16.72 4.11 -26.20
CA TYR A 18 -16.67 3.96 -24.75
C TYR A 18 -17.09 2.53 -24.42
N ILE A 19 -16.16 1.72 -23.92
CA ILE A 19 -16.50 0.32 -23.63
C ILE A 19 -17.24 0.27 -22.31
N TYR A 20 -18.50 -0.16 -22.36
CA TYR A 20 -19.34 -0.14 -21.18
C TYR A 20 -20.57 -1.06 -21.31
N SER A 21 -20.88 -1.74 -20.20
CA SER A 21 -22.24 -2.27 -19.98
C SER A 21 -22.39 -2.35 -18.47
N PRO A 22 -23.64 -2.38 -17.97
CA PRO A 22 -23.82 -2.55 -16.52
C PRO A 22 -23.19 -3.85 -16.02
N GLU A 23 -23.30 -4.90 -16.82
CA GLU A 23 -22.76 -6.20 -16.45
C GLU A 23 -21.23 -6.17 -16.37
N TYR A 24 -20.61 -5.42 -17.28
CA TYR A 24 -19.17 -5.30 -17.30
C TYR A 24 -18.65 -4.54 -16.09
N VAL A 25 -19.30 -3.42 -15.76
CA VAL A 25 -18.91 -2.66 -14.58
C VAL A 25 -19.04 -3.53 -13.34
N SER A 26 -20.13 -4.28 -13.26
CA SER A 26 -20.33 -5.19 -12.12
CA SER A 26 -20.32 -5.17 -12.11
C SER A 26 -19.21 -6.22 -12.04
N MET A 27 -18.88 -6.82 -13.17
CA MET A 27 -17.81 -7.82 -13.17
C MET A 27 -16.47 -7.17 -12.79
N CYS A 28 -16.24 -5.95 -13.26
CA CYS A 28 -14.94 -5.33 -12.95
C CYS A 28 -14.79 -5.04 -11.47
N ASP A 29 -15.90 -4.86 -10.76
CA ASP A 29 -15.86 -4.60 -9.32
C ASP A 29 -16.01 -5.89 -8.51
N SER A 30 -16.14 -7.03 -9.18
CA SER A 30 -16.56 -8.26 -8.49
C SER A 30 -15.51 -8.85 -7.52
N LEU A 31 -14.23 -8.53 -7.70
CA LEU A 31 -13.20 -9.05 -6.79
C LEU A 31 -13.03 -8.17 -5.55
N ALA A 32 -13.55 -6.93 -5.65
CA ALA A 32 -13.49 -5.96 -4.54
C ALA A 32 -12.06 -5.68 -4.08
N LYS A 33 -11.11 -5.68 -5.00
CA LYS A 33 -9.73 -5.31 -4.68
C LYS A 33 -9.61 -3.79 -4.49
N ILE A 34 -10.36 -3.05 -5.30
CA ILE A 34 -10.43 -1.60 -5.16
C ILE A 34 -11.93 -1.27 -5.19
N PRO A 35 -12.59 -1.38 -4.04
CA PRO A 35 -14.05 -1.57 -3.99
C PRO A 35 -14.87 -0.50 -4.73
N LYS A 36 -15.69 -0.94 -5.67
CA LYS A 36 -16.67 -0.11 -6.40
C LYS A 36 -16.02 0.93 -7.32
N ARG A 37 -14.72 0.82 -7.57
CA ARG A 37 -14.08 1.88 -8.36
C ARG A 37 -14.64 1.95 -9.77
N ALA A 38 -14.91 0.81 -10.40
CA ALA A 38 -15.40 0.87 -11.78
C ALA A 38 -16.73 1.58 -11.83
N ASP A 39 -17.58 1.29 -10.84
CA ASP A 39 -18.89 1.92 -10.77
C ASP A 39 -18.72 3.42 -10.49
N MET A 40 -17.79 3.79 -9.62
CA MET A 40 -17.60 5.23 -9.36
C MET A 40 -17.17 5.99 -10.61
N VAL A 41 -16.23 5.42 -11.37
CA VAL A 41 -15.72 6.05 -12.59
C VAL A 41 -16.84 6.22 -13.61
N HIS A 42 -17.56 5.14 -13.88
CA HIS A 42 -18.65 5.24 -14.84
C HIS A 42 -19.73 6.19 -14.35
N SER A 43 -20.04 6.11 -13.07
CA SER A 43 -21.12 6.96 -12.54
C SER A 43 -20.82 8.45 -12.63
N LEU A 44 -19.55 8.81 -12.47
CA LEU A 44 -19.19 10.21 -12.56
C LEU A 44 -19.20 10.65 -14.02
N ILE A 45 -18.73 9.78 -14.92
CA ILE A 45 -18.79 10.05 -16.38
C ILE A 45 -20.24 10.27 -16.81
N GLU A 46 -21.12 9.40 -16.33
CA GLU A 46 -22.54 9.48 -16.62
C GLU A 46 -23.17 10.76 -16.03
N ALA A 47 -22.72 11.14 -14.84
CA ALA A 47 -23.27 12.32 -14.16
C ALA A 47 -22.92 13.62 -14.89
N TYR A 48 -21.80 13.61 -15.59
CA TYR A 48 -21.40 14.70 -16.48
C TYR A 48 -21.96 14.52 -17.89
N ALA A 49 -22.74 13.46 -18.08
CA ALA A 49 -23.40 13.14 -19.35
C ALA A 49 -22.42 12.95 -20.52
N LEU A 50 -21.18 12.55 -20.22
CA LEU A 50 -20.19 12.36 -21.29
C LEU A 50 -20.47 11.13 -22.16
N HIS A 51 -21.15 10.13 -21.60
CA HIS A 51 -21.44 8.90 -22.34
C HIS A 51 -22.40 9.19 -23.50
N LYS A 52 -23.20 10.25 -23.36
CA LYS A 52 -24.09 10.66 -24.46
C LYS A 52 -23.33 11.18 -25.68
N GLN A 53 -22.05 11.51 -25.50
CA GLN A 53 -21.21 12.03 -26.57
C GLN A 53 -20.28 10.98 -27.15
N MET A 54 -20.44 9.74 -26.69
CA MET A 54 -19.57 8.66 -27.12
C MET A 54 -20.39 7.53 -27.72
N ARG A 55 -19.74 6.67 -28.48
CA ARG A 55 -20.38 5.46 -28.98
C ARG A 55 -20.23 4.35 -27.96
N ILE A 56 -21.31 3.97 -27.31
CA ILE A 56 -21.21 2.98 -26.22
C ILE A 56 -21.19 1.58 -26.81
N VAL A 57 -20.14 0.84 -26.51
CA VAL A 57 -19.99 -0.51 -27.04
C VAL A 57 -19.91 -1.52 -25.92
N LYS A 58 -20.74 -2.55 -26.00
CA LYS A 58 -20.72 -3.63 -25.00
C LYS A 58 -19.52 -4.51 -25.24
N PRO A 59 -18.73 -4.79 -24.20
CA PRO A 59 -17.56 -5.63 -24.45
C PRO A 59 -17.92 -7.10 -24.60
N LYS A 60 -17.13 -7.79 -25.42
CA LYS A 60 -17.17 -9.25 -25.49
C LYS A 60 -16.34 -9.82 -24.34
N VAL A 61 -16.66 -11.05 -23.97
CA VAL A 61 -15.86 -11.79 -22.99
C VAL A 61 -14.78 -12.55 -23.74
N ALA A 62 -13.54 -12.50 -23.26
CA ALA A 62 -12.45 -13.22 -23.93
C ALA A 62 -12.63 -14.73 -23.85
N SER A 63 -12.38 -15.42 -24.96
CA SER A 63 -12.25 -16.87 -24.95
C SER A 63 -10.95 -17.30 -24.29
N MET A 64 -10.89 -18.57 -23.88
CA MET A 64 -9.64 -19.18 -23.45
C MET A 64 -8.53 -18.94 -24.49
N GLU A 65 -8.83 -19.18 -25.76
CA GLU A 65 -7.86 -19.00 -26.85
C GLU A 65 -7.31 -17.59 -26.91
N GLU A 66 -8.20 -16.61 -26.77
CA GLU A 66 -7.77 -15.22 -26.78
C GLU A 66 -6.86 -14.89 -25.59
N MET A 67 -7.20 -15.37 -24.40
CA MET A 67 -6.36 -15.09 -23.24
C MET A 67 -5.03 -15.80 -23.41
N ALA A 68 -5.05 -16.91 -24.13
CA ALA A 68 -3.84 -17.72 -24.28
C ALA A 68 -2.89 -17.15 -25.34
N THR A 69 -3.23 -16.04 -25.96
CA THR A 69 -2.27 -15.39 -26.85
C THR A 69 -1.10 -14.82 -26.05
N PHE A 70 -1.31 -14.69 -24.75
CA PHE A 70 -0.25 -14.22 -23.84
C PHE A 70 -0.07 -15.11 -22.62
N HIS A 71 -1.15 -15.43 -21.93
CA HIS A 71 -1.04 -16.18 -20.68
C HIS A 71 -0.88 -17.66 -20.93
N THR A 72 -0.13 -18.34 -20.05
CA THR A 72 0.10 -19.76 -20.27
C THR A 72 -1.16 -20.56 -20.01
N ASP A 73 -1.23 -21.73 -20.65
CA ASP A 73 -2.36 -22.64 -20.43
C ASP A 73 -2.46 -23.00 -18.97
N ALA A 74 -1.31 -23.27 -18.34
CA ALA A 74 -1.31 -23.71 -16.95
C ALA A 74 -1.93 -22.68 -16.02
N TYR A 75 -1.58 -21.41 -16.23
CA TYR A 75 -2.11 -20.34 -15.41
C TYR A 75 -3.61 -20.21 -15.65
N LEU A 76 -4.02 -20.19 -16.90
CA LEU A 76 -5.44 -20.04 -17.24
C LEU A 76 -6.27 -21.24 -16.78
N GLN A 77 -5.71 -22.44 -16.94
CA GLN A 77 -6.44 -23.65 -16.51
C GLN A 77 -6.57 -23.70 -14.99
N HIS A 78 -5.56 -23.19 -14.30
CA HIS A 78 -5.64 -23.04 -12.86
C HIS A 78 -6.77 -22.08 -12.46
N LEU A 79 -6.83 -20.91 -13.08
CA LEU A 79 -7.93 -19.97 -12.78
C LEU A 79 -9.28 -20.62 -13.05
N GLN A 80 -9.39 -21.35 -14.15
CA GLN A 80 -10.68 -21.96 -14.45
C GLN A 80 -11.00 -23.07 -13.44
N LYS A 81 -10.00 -23.86 -13.08
CA LYS A 81 -10.23 -24.92 -12.10
C LYS A 81 -10.72 -24.35 -10.77
N VAL A 82 -10.07 -23.32 -10.24
CA VAL A 82 -10.51 -22.80 -8.95
C VAL A 82 -11.84 -22.04 -9.07
N SER A 83 -12.23 -21.64 -10.28
CA SER A 83 -13.54 -21.04 -10.45
C SER A 83 -14.63 -22.09 -10.21
N GLN A 84 -14.26 -23.37 -10.38
CA GLN A 84 -15.23 -24.48 -10.29
C GLN A 84 -15.14 -25.24 -8.97
N GLU A 85 -13.97 -25.21 -8.35
CA GLU A 85 -13.70 -26.07 -7.19
C GLU A 85 -13.00 -25.35 -6.04
N GLY A 86 -12.68 -24.08 -6.25
CA GLY A 86 -11.92 -23.34 -5.26
C GLY A 86 -10.51 -23.87 -5.11
N SER A 93 1.82 -26.84 -4.23
CA SER A 93 1.01 -25.91 -4.99
C SER A 93 1.87 -24.84 -5.67
N ILE A 94 1.59 -24.57 -6.94
CA ILE A 94 2.37 -23.62 -7.72
C ILE A 94 2.06 -22.18 -7.33
N GLU A 95 3.08 -21.32 -7.43
CA GLU A 95 2.93 -19.90 -7.15
C GLU A 95 2.43 -19.18 -8.41
N TYR A 96 1.16 -18.77 -8.39
CA TYR A 96 0.58 -18.00 -9.47
C TYR A 96 0.27 -16.56 -9.08
N GLY A 97 0.75 -16.13 -7.92
CA GLY A 97 0.54 -14.74 -7.53
C GLY A 97 -0.82 -14.55 -6.88
N LEU A 98 -1.44 -15.67 -6.48
CA LEU A 98 -2.82 -15.62 -5.99
C LEU A 98 -2.93 -15.78 -4.48
N GLY A 99 -1.83 -15.65 -3.78
CA GLY A 99 -1.78 -15.95 -2.36
C GLY A 99 -2.44 -14.93 -1.46
N TYR A 100 -2.82 -13.77 -2.03
CA TYR A 100 -3.60 -12.77 -1.29
C TYR A 100 -5.09 -12.89 -1.56
N ASP A 101 -5.49 -13.92 -2.31
CA ASP A 101 -6.89 -14.08 -2.69
C ASP A 101 -7.56 -15.33 -2.12
N CYS A 102 -6.94 -16.00 -1.16
CA CYS A 102 -7.50 -17.23 -0.60
C CYS A 102 -8.96 -17.15 -0.11
N PRO A 103 -9.39 -16.00 0.45
CA PRO A 103 -10.81 -15.99 0.85
C PRO A 103 -11.79 -16.19 -0.31
N ALA A 104 -11.36 -15.94 -1.53
CA ALA A 104 -12.28 -15.99 -2.66
C ALA A 104 -11.53 -15.98 -4.00
N THR A 105 -11.23 -17.15 -4.53
CA THR A 105 -10.55 -17.17 -5.83
C THR A 105 -11.49 -17.51 -6.95
N GLU A 106 -12.74 -17.84 -6.64
CA GLU A 106 -13.56 -18.49 -7.67
C GLU A 106 -13.99 -17.52 -8.76
N GLY A 107 -13.93 -16.22 -8.48
CA GLY A 107 -14.37 -15.22 -9.42
C GLY A 107 -13.28 -14.67 -10.32
N ILE A 108 -12.04 -15.13 -10.13
CA ILE A 108 -10.95 -14.49 -10.85
C ILE A 108 -10.96 -14.81 -12.34
N PHE A 109 -11.29 -16.05 -12.70
CA PHE A 109 -11.35 -16.42 -14.11
C PHE A 109 -12.34 -15.51 -14.91
N ASP A 110 -13.55 -15.34 -14.39
CA ASP A 110 -14.54 -14.54 -15.12
C ASP A 110 -14.14 -13.05 -15.16
N TYR A 111 -13.50 -12.58 -14.10
CA TYR A 111 -12.97 -11.22 -14.06
C TYR A 111 -11.93 -11.02 -15.17
N ALA A 112 -10.99 -11.95 -15.23
CA ALA A 112 -9.93 -11.92 -16.24
C ALA A 112 -10.50 -11.95 -17.66
N ALA A 113 -11.48 -12.83 -17.87
CA ALA A 113 -12.06 -12.96 -19.21
C ALA A 113 -12.82 -11.67 -19.56
N ALA A 114 -13.37 -10.99 -18.56
CA ALA A 114 -14.10 -9.76 -18.83
C ALA A 114 -13.15 -8.62 -19.17
N ILE A 115 -12.11 -8.41 -18.37
CA ILE A 115 -11.17 -7.33 -18.62
CA ILE A 115 -11.26 -7.28 -18.68
C ILE A 115 -10.45 -7.54 -19.95
N GLY A 116 -10.02 -8.78 -20.16
CA GLY A 116 -9.33 -9.13 -21.41
C GLY A 116 -10.21 -8.90 -22.63
N GLY A 117 -11.45 -9.38 -22.55
CA GLY A 117 -12.39 -9.19 -23.65
C GLY A 117 -12.67 -7.73 -23.95
N ALA A 118 -12.76 -6.91 -22.89
CA ALA A 118 -13.10 -5.50 -23.08
C ALA A 118 -12.00 -4.78 -23.82
N THR A 119 -10.74 -5.06 -23.47
CA THR A 119 -9.65 -4.38 -24.15
C THR A 119 -9.50 -4.89 -25.59
N ILE A 120 -9.75 -6.19 -25.80
CA ILE A 120 -9.70 -6.75 -27.16
C ILE A 120 -10.82 -6.11 -27.97
N THR A 121 -11.99 -5.92 -27.35
CA THR A 121 -13.11 -5.29 -28.06
C THR A 121 -12.75 -3.86 -28.50
N ALA A 122 -12.14 -3.11 -27.58
CA ALA A 122 -11.67 -1.76 -27.89
C ALA A 122 -10.69 -1.80 -29.06
N ALA A 123 -9.73 -2.73 -29.03
CA ALA A 123 -8.77 -2.83 -30.12
C ALA A 123 -9.46 -3.16 -31.44
N GLN A 124 -10.42 -4.07 -31.41
CA GLN A 124 -11.11 -4.46 -32.65
C GLN A 124 -11.91 -3.27 -33.23
N CYS A 125 -12.50 -2.43 -32.36
CA CYS A 125 -13.20 -1.22 -32.81
C CYS A 125 -12.25 -0.31 -33.58
N LEU A 126 -11.03 -0.20 -33.09
CA LEU A 126 -10.01 0.61 -33.76
C LEU A 126 -9.64 0.00 -35.10
N ILE A 127 -9.48 -1.31 -35.13
CA ILE A 127 -9.13 -2.02 -36.36
C ILE A 127 -10.22 -1.80 -37.40
N ASP A 128 -11.47 -1.86 -36.96
CA ASP A 128 -12.62 -1.81 -37.87
C ASP A 128 -12.91 -0.38 -38.31
N GLY A 129 -12.21 0.59 -37.73
CA GLY A 129 -12.35 1.98 -38.11
C GLY A 129 -13.63 2.58 -37.59
N MET A 130 -14.22 1.95 -36.59
CA MET A 130 -15.40 2.49 -35.93
C MET A 130 -15.13 3.85 -35.26
N CYS A 131 -13.87 4.08 -34.91
CA CYS A 131 -13.46 5.23 -34.12
C CYS A 131 -11.95 5.43 -34.28
N LYS A 132 -11.43 6.55 -33.79
CA LYS A 132 -9.99 6.76 -33.69
C LYS A 132 -9.53 6.66 -32.25
N VAL A 133 -10.47 6.74 -31.32
CA VAL A 133 -10.15 6.59 -29.89
C VAL A 133 -11.14 5.61 -29.27
N ALA A 134 -10.65 4.62 -28.52
CA ALA A 134 -11.52 3.65 -27.85
C ALA A 134 -11.08 3.56 -26.41
N ILE A 135 -12.04 3.67 -25.49
CA ILE A 135 -11.75 3.80 -24.06
C ILE A 135 -12.20 2.59 -23.26
N ASN A 136 -11.30 2.03 -22.47
CA ASN A 136 -11.66 1.01 -21.48
C ASN A 136 -11.03 1.40 -20.15
N TRP A 137 -11.75 2.20 -19.36
CA TRP A 137 -11.18 2.74 -18.13
C TRP A 137 -11.00 1.66 -17.08
N SER A 138 -11.62 0.48 -17.23
CA SER A 138 -11.36 -0.54 -16.22
CA SER A 138 -11.45 -0.63 -16.31
C SER A 138 -10.35 -1.59 -16.69
N GLY A 139 -9.61 -1.29 -17.76
CA GLY A 139 -8.46 -2.09 -18.18
C GLY A 139 -7.16 -1.41 -17.74
N GLY A 140 -6.04 -1.89 -18.28
CA GLY A 140 -4.74 -1.29 -17.97
C GLY A 140 -3.91 -2.05 -16.95
N TRP A 141 -4.18 -3.36 -16.82
CA TRP A 141 -3.56 -4.12 -15.72
C TRP A 141 -2.15 -4.63 -16.10
N HIS A 142 -1.22 -3.67 -16.10
CA HIS A 142 0.05 -3.79 -16.78
C HIS A 142 1.13 -4.66 -16.11
N HIS A 143 0.90 -5.11 -14.86
CA HIS A 143 1.92 -5.90 -14.15
C HIS A 143 1.79 -7.42 -14.33
N ALA A 144 0.64 -7.88 -14.81
CA ALA A 144 0.42 -9.32 -14.87
C ALA A 144 1.42 -9.97 -15.81
N LYS A 145 1.96 -11.11 -15.40
CA LYS A 145 2.93 -11.90 -16.16
CA LYS A 145 2.91 -11.85 -16.23
C LYS A 145 2.23 -13.03 -16.91
N LYS A 146 2.92 -13.68 -17.84
CA LYS A 146 2.24 -14.73 -18.61
C LYS A 146 1.70 -15.81 -17.65
N ASP A 147 2.38 -16.00 -16.52
CA ASP A 147 2.02 -17.08 -15.62
C ASP A 147 1.85 -16.69 -14.15
N GLU A 148 1.60 -15.41 -13.89
CA GLU A 148 1.59 -14.91 -12.51
C GLU A 148 0.82 -13.61 -12.41
N ALA A 149 -0.13 -13.55 -11.48
CA ALA A 149 -0.73 -12.28 -11.09
C ALA A 149 0.31 -11.44 -10.34
N SER A 150 0.18 -10.12 -10.44
CA SER A 150 1.13 -9.23 -9.77
C SER A 150 0.52 -7.85 -9.62
N GLY A 151 0.72 -7.18 -8.48
CA GLY A 151 0.33 -5.78 -8.37
C GLY A 151 -1.14 -5.47 -8.74
N PHE A 152 -2.04 -6.28 -8.17
CA PHE A 152 -3.49 -6.19 -8.43
C PHE A 152 -3.89 -6.53 -9.87
N CYS A 153 -2.95 -7.06 -10.65
CA CYS A 153 -3.20 -7.41 -12.07
C CYS A 153 -3.30 -8.93 -12.24
N TYR A 154 -4.45 -9.44 -12.69
CA TYR A 154 -4.64 -10.88 -12.83
C TYR A 154 -4.55 -11.36 -14.27
N LEU A 155 -4.80 -10.45 -15.19
CA LEU A 155 -4.63 -10.74 -16.61
C LEU A 155 -4.10 -9.47 -17.26
N ASN A 156 -3.16 -9.59 -18.18
CA ASN A 156 -2.57 -8.38 -18.76
C ASN A 156 -3.36 -7.96 -20.01
N ASP A 157 -4.45 -7.24 -19.78
CA ASP A 157 -5.32 -6.87 -20.89
C ASP A 157 -4.63 -5.92 -21.85
N ALA A 158 -3.68 -5.12 -21.36
CA ALA A 158 -2.92 -4.23 -22.23
C ALA A 158 -2.13 -5.03 -23.28
N VAL A 159 -1.48 -6.10 -22.83
CA VAL A 159 -0.79 -6.97 -23.79
C VAL A 159 -1.80 -7.53 -24.80
N LEU A 160 -2.96 -7.98 -24.33
CA LEU A 160 -3.91 -8.58 -25.26
C LEU A 160 -4.36 -7.56 -26.30
N GLY A 161 -4.54 -6.31 -25.86
CA GLY A 161 -4.96 -5.27 -26.77
C GLY A 161 -3.90 -4.96 -27.82
N ILE A 162 -2.65 -4.90 -27.40
CA ILE A 162 -1.55 -4.65 -28.34
C ILE A 162 -1.47 -5.78 -29.35
N LEU A 163 -1.58 -7.02 -28.87
CA LEU A 163 -1.50 -8.16 -29.78
C LEU A 163 -2.62 -8.09 -30.81
N ARG A 164 -3.80 -7.65 -30.40
CA ARG A 164 -4.93 -7.54 -31.34
C ARG A 164 -4.65 -6.45 -32.36
N LEU A 165 -4.20 -5.28 -31.89
CA LEU A 165 -3.85 -4.19 -32.80
C LEU A 165 -2.78 -4.60 -33.83
N ARG A 166 -1.88 -5.51 -33.45
CA ARG A 166 -0.78 -5.87 -34.36
C ARG A 166 -1.30 -6.66 -35.55
N ARG A 167 -2.57 -7.08 -35.52
CA ARG A 167 -3.14 -7.73 -36.73
C ARG A 167 -3.33 -6.74 -37.87
N LYS A 168 -3.39 -5.45 -37.55
CA LYS A 168 -3.64 -4.43 -38.56
C LYS A 168 -2.51 -3.41 -38.66
N PHE A 169 -2.03 -2.97 -37.50
CA PHE A 169 -1.08 -1.86 -37.47
C PHE A 169 0.34 -2.36 -37.36
N GLU A 170 1.23 -1.81 -38.18
CA GLU A 170 2.56 -2.41 -38.31
C GLU A 170 3.54 -2.02 -37.18
N ARG A 171 3.26 -0.93 -36.47
CA ARG A 171 4.09 -0.53 -35.32
C ARG A 171 3.15 0.02 -34.27
N ILE A 172 3.23 -0.53 -33.06
CA ILE A 172 2.42 -0.05 -31.95
C ILE A 172 3.30 0.62 -30.92
N LEU A 173 2.90 1.80 -30.47
CA LEU A 173 3.54 2.45 -29.33
C LEU A 173 2.67 2.27 -28.09
N TYR A 174 3.24 1.70 -27.04
CA TYR A 174 2.60 1.60 -25.73
C TYR A 174 3.19 2.64 -24.81
N VAL A 175 2.32 3.49 -24.24
CA VAL A 175 2.77 4.53 -23.33
C VAL A 175 2.11 4.30 -21.99
N ASP A 176 2.93 4.22 -20.94
CA ASP A 176 2.40 3.83 -19.62
C ASP A 176 2.68 4.95 -18.61
N LEU A 177 1.65 5.70 -18.21
CA LEU A 177 1.84 6.83 -17.31
C LEU A 177 1.39 6.52 -15.88
N ASP A 178 1.14 5.24 -15.61
CA ASP A 178 0.96 4.75 -14.23
C ASP A 178 2.16 5.14 -13.35
N LEU A 179 1.94 5.30 -12.05
CA LEU A 179 3.07 5.51 -11.13
C LEU A 179 4.15 4.43 -11.25
N HIS A 180 3.72 3.21 -11.54
CA HIS A 180 4.62 2.04 -11.51
C HIS A 180 5.10 1.65 -12.88
N HIS A 181 6.29 1.05 -12.92
CA HIS A 181 6.85 0.57 -14.17
C HIS A 181 5.92 -0.47 -14.83
N GLY A 182 5.66 -0.29 -16.11
CA GLY A 182 4.83 -1.26 -16.83
C GLY A 182 5.61 -2.51 -17.21
N ASP A 183 6.05 -3.27 -16.21
CA ASP A 183 6.96 -4.39 -16.45
C ASP A 183 6.32 -5.55 -17.24
N GLY A 184 5.06 -5.87 -16.93
CA GLY A 184 4.40 -6.97 -17.62
C GLY A 184 4.32 -6.73 -19.11
N VAL A 185 3.97 -5.51 -19.49
CA VAL A 185 3.87 -5.17 -20.93
C VAL A 185 5.26 -5.08 -21.57
N GLU A 186 6.19 -4.43 -20.88
CA GLU A 186 7.54 -4.35 -21.44
C GLU A 186 8.11 -5.74 -21.67
N ASP A 187 7.96 -6.62 -20.68
CA ASP A 187 8.52 -7.96 -20.78
C ASP A 187 7.91 -8.71 -21.95
N ALA A 188 6.59 -8.54 -22.14
CA ALA A 188 5.87 -9.24 -23.20
C ALA A 188 6.45 -8.92 -24.56
N PHE A 189 6.87 -7.67 -24.76
CA PHE A 189 7.37 -7.25 -26.08
C PHE A 189 8.84 -6.93 -26.09
N SER A 190 9.55 -7.40 -25.07
CA SER A 190 10.98 -7.06 -24.92
C SER A 190 11.83 -7.42 -26.15
N PHE A 191 11.47 -8.52 -26.82
CA PHE A 191 12.30 -9.01 -27.91
C PHE A 191 11.85 -8.58 -29.31
N THR A 192 10.86 -7.71 -29.39
CA THR A 192 10.42 -7.25 -30.72
C THR A 192 10.61 -5.75 -30.93
N SER A 193 10.88 -5.41 -32.19
CA SER A 193 11.01 -4.02 -32.60
C SER A 193 9.70 -3.50 -33.20
N LYS A 194 8.65 -4.33 -33.19
CA LYS A 194 7.37 -3.92 -33.79
C LYS A 194 6.45 -3.23 -32.79
N VAL A 195 6.81 -3.31 -31.51
CA VAL A 195 6.03 -2.69 -30.43
C VAL A 195 7.07 -1.96 -29.59
N MET A 196 6.90 -0.65 -29.42
CA MET A 196 7.80 0.08 -28.54
C MET A 196 7.06 0.43 -27.26
N THR A 197 7.67 0.16 -26.10
CA THR A 197 7.03 0.46 -24.83
C THR A 197 7.76 1.65 -24.22
N VAL A 198 6.99 2.60 -23.71
CA VAL A 198 7.53 3.77 -23.03
C VAL A 198 6.87 3.86 -21.67
N SER A 199 7.66 3.83 -20.59
CA SER A 199 7.05 3.94 -19.25
C SER A 199 7.70 5.07 -18.49
N LEU A 200 6.88 5.96 -17.93
CA LEU A 200 7.35 6.96 -16.97
C LEU A 200 6.91 6.46 -15.61
N HIS A 201 7.79 6.41 -14.63
CA HIS A 201 7.41 5.81 -13.34
C HIS A 201 8.39 6.17 -12.24
N LYS A 202 7.94 5.98 -11.01
CA LYS A 202 8.84 6.08 -9.88
CA LYS A 202 8.85 6.08 -9.87
C LYS A 202 9.83 4.92 -9.92
N PHE A 203 11.11 5.22 -9.71
CA PHE A 203 12.14 4.19 -9.74
C PHE A 203 13.05 4.42 -8.57
N SER A 204 13.10 3.47 -7.64
CA SER A 204 13.88 3.68 -6.41
C SER A 204 14.10 2.33 -5.81
N PRO A 205 15.30 2.04 -5.30
CA PRO A 205 15.50 0.70 -4.72
C PRO A 205 14.49 0.39 -3.64
N GLY A 206 13.75 -0.71 -3.84
CA GLY A 206 12.75 -1.13 -2.87
C GLY A 206 11.35 -0.81 -3.36
N PHE A 207 11.24 -0.01 -4.43
CA PHE A 207 9.92 0.43 -4.89
C PHE A 207 9.42 -0.46 -6.02
N PHE A 208 8.17 -0.92 -5.89
CA PHE A 208 7.59 -1.91 -6.81
C PHE A 208 7.50 -1.38 -8.25
N PRO A 209 7.79 -2.24 -9.24
CA PRO A 209 8.21 -3.64 -9.15
C PRO A 209 9.73 -3.80 -9.17
N GLY A 210 10.46 -2.68 -9.18
CA GLY A 210 11.90 -2.72 -9.01
C GLY A 210 12.68 -2.60 -10.31
N THR A 211 11.96 -2.77 -11.41
CA THR A 211 12.53 -2.73 -12.75
C THR A 211 12.31 -1.38 -13.45
N GLY A 212 12.96 -1.21 -14.61
CA GLY A 212 12.69 -0.05 -15.45
C GLY A 212 13.63 1.11 -15.21
N ASP A 213 14.93 0.81 -15.06
CA ASP A 213 15.90 1.92 -15.04
C ASP A 213 16.05 2.44 -16.46
N VAL A 214 16.67 3.61 -16.63
CA VAL A 214 16.80 4.17 -17.96
C VAL A 214 17.69 3.26 -18.84
N SER A 215 18.55 2.47 -18.21
CA SER A 215 19.41 1.55 -18.97
C SER A 215 18.70 0.28 -19.44
N ASP A 216 17.47 0.05 -18.98
CA ASP A 216 16.65 -1.07 -19.48
C ASP A 216 16.06 -0.67 -20.81
N VAL A 217 16.55 -1.28 -21.91
CA VAL A 217 16.17 -0.83 -23.25
C VAL A 217 15.63 -1.98 -24.11
N GLY A 218 15.36 -3.12 -23.49
CA GLY A 218 14.90 -4.29 -24.23
C GLY A 218 16.03 -5.19 -24.68
N LEU A 219 15.68 -6.26 -25.40
CA LEU A 219 16.65 -7.32 -25.68
C LEU A 219 16.57 -7.82 -27.12
N GLY A 220 17.69 -8.35 -27.62
CA GLY A 220 17.70 -8.94 -28.95
C GLY A 220 17.28 -7.95 -30.02
N LYS A 221 16.38 -8.39 -30.91
CA LYS A 221 15.86 -7.50 -31.94
C LYS A 221 15.10 -6.33 -31.35
N GLY A 222 14.64 -6.48 -30.10
CA GLY A 222 13.95 -5.39 -29.43
C GLY A 222 14.88 -4.44 -28.69
N ARG A 223 16.20 -4.61 -28.80
CA ARG A 223 17.08 -3.66 -28.11
C ARG A 223 16.86 -2.24 -28.66
N TYR A 224 16.60 -1.31 -27.72
CA TYR A 224 16.30 0.11 -27.92
C TYR A 224 14.81 0.36 -28.17
N TYR A 225 14.01 -0.71 -28.19
CA TYR A 225 12.55 -0.57 -28.36
C TYR A 225 11.78 -0.69 -27.06
N SER A 226 12.49 -0.52 -25.94
CA SER A 226 11.87 -0.25 -24.64
C SER A 226 12.45 1.05 -24.13
N VAL A 227 11.61 1.92 -23.59
CA VAL A 227 12.05 3.23 -23.09
C VAL A 227 11.53 3.38 -21.68
N ASN A 228 12.42 3.67 -20.74
CA ASN A 228 12.04 3.80 -19.35
C ASN A 228 12.54 5.14 -18.82
N VAL A 229 11.65 5.85 -18.14
CA VAL A 229 11.97 7.18 -17.61
C VAL A 229 11.81 7.14 -16.10
N PRO A 230 12.91 6.91 -15.38
CA PRO A 230 12.78 6.83 -13.91
C PRO A 230 12.66 8.20 -13.29
N ILE A 231 11.67 8.39 -12.42
CA ILE A 231 11.37 9.70 -11.85
C ILE A 231 11.30 9.56 -10.33
N GLN A 232 11.61 10.64 -9.59
CA GLN A 232 11.61 10.57 -8.13
C GLN A 232 10.31 11.15 -7.55
N ASP A 233 10.13 10.98 -6.25
CA ASP A 233 8.93 11.50 -5.58
C ASP A 233 8.67 12.97 -5.84
N GLY A 234 7.40 13.35 -5.84
CA GLY A 234 7.02 14.75 -5.68
C GLY A 234 6.89 15.52 -6.97
N ILE A 235 7.01 14.83 -8.10
CA ILE A 235 6.92 15.55 -9.38
C ILE A 235 5.53 16.15 -9.58
N GLN A 236 5.50 17.38 -10.10
CA GLN A 236 4.25 18.08 -10.39
C GLN A 236 4.01 18.27 -11.88
N ASP A 237 2.84 18.80 -12.22
CA ASP A 237 2.35 18.82 -13.60
C ASP A 237 3.34 19.37 -14.65
N GLU A 238 3.93 20.53 -14.38
CA GLU A 238 4.72 21.20 -15.40
CA GLU A 238 4.71 21.21 -15.41
C GLU A 238 5.97 20.42 -15.76
N LYS A 239 6.70 19.99 -14.75
CA LYS A 239 7.94 19.25 -14.99
C LYS A 239 7.65 17.88 -15.61
N TYR A 240 6.56 17.26 -15.15
CA TYR A 240 6.17 15.96 -15.70
C TYR A 240 5.86 16.08 -17.20
N TYR A 241 5.08 17.09 -17.56
CA TYR A 241 4.75 17.28 -18.96
C TYR A 241 6.00 17.58 -19.77
N GLN A 242 6.92 18.38 -19.24
CA GLN A 242 8.18 18.67 -19.94
CA GLN A 242 8.16 18.67 -19.97
C GLN A 242 8.92 17.39 -20.30
N ILE A 243 8.99 16.49 -19.32
CA ILE A 243 9.68 15.20 -19.47
C ILE A 243 8.94 14.37 -20.50
N CYS A 244 7.62 14.26 -20.31
CA CYS A 244 6.83 13.38 -21.17
C CYS A 244 6.87 13.89 -22.62
N GLU A 245 6.73 15.20 -22.79
CA GLU A 245 6.74 15.74 -24.14
C GLU A 245 8.09 15.53 -24.81
N SER A 246 9.16 15.74 -24.05
CA SER A 246 10.51 15.55 -24.57
CA SER A 246 10.50 15.57 -24.59
C SER A 246 10.74 14.13 -25.07
N VAL A 247 10.34 13.16 -24.27
CA VAL A 247 10.52 11.76 -24.65
C VAL A 247 9.61 11.38 -25.82
N LEU A 248 8.34 11.77 -25.74
CA LEU A 248 7.40 11.32 -26.79
C LEU A 248 7.70 11.97 -28.13
N LYS A 249 8.24 13.20 -28.13
CA LYS A 249 8.63 13.85 -29.39
C LYS A 249 9.72 13.03 -30.07
N GLU A 250 10.71 12.60 -29.29
CA GLU A 250 11.81 11.81 -29.82
C GLU A 250 11.34 10.43 -30.28
N VAL A 251 10.49 9.80 -29.46
CA VAL A 251 9.95 8.47 -29.76
C VAL A 251 9.13 8.53 -31.06
N TYR A 252 8.30 9.55 -31.18
CA TYR A 252 7.43 9.64 -32.35
C TYR A 252 8.25 9.81 -33.63
N GLN A 253 9.28 10.65 -33.57
CA GLN A 253 10.14 10.89 -34.72
C GLN A 253 10.92 9.62 -35.10
N ALA A 254 11.39 8.89 -34.11
CA ALA A 254 12.23 7.72 -34.34
C ALA A 254 11.46 6.49 -34.79
N PHE A 255 10.33 6.24 -34.12
CA PHE A 255 9.61 4.98 -34.26
C PHE A 255 8.42 5.04 -35.25
N ASN A 256 7.90 6.25 -35.46
CA ASN A 256 6.77 6.47 -36.39
C ASN A 256 5.61 5.47 -36.17
N PRO A 257 5.01 5.48 -34.97
CA PRO A 257 3.99 4.47 -34.68
C PRO A 257 2.76 4.62 -35.55
N LYS A 258 2.05 3.51 -35.74
CA LYS A 258 0.81 3.55 -36.50
C LYS A 258 -0.43 3.44 -35.59
N ALA A 259 -0.24 3.07 -34.32
CA ALA A 259 -1.34 3.05 -33.35
C ALA A 259 -0.74 3.17 -31.96
N VAL A 260 -1.55 3.58 -30.98
CA VAL A 260 -1.05 3.86 -29.63
C VAL A 260 -1.94 3.20 -28.62
N VAL A 261 -1.34 2.57 -27.61
CA VAL A 261 -2.09 2.09 -26.45
C VAL A 261 -1.57 2.93 -25.29
N LEU A 262 -2.47 3.58 -24.56
CA LEU A 262 -2.06 4.53 -23.54
C LEU A 262 -2.67 4.13 -22.21
N GLN A 263 -1.83 3.82 -21.23
CA GLN A 263 -2.26 3.42 -19.89
C GLN A 263 -2.14 4.67 -18.99
N LEU A 264 -3.23 5.02 -18.31
CA LEU A 264 -3.31 6.26 -17.58
C LEU A 264 -3.63 6.04 -16.10
N GLY A 265 -2.97 5.05 -15.50
CA GLY A 265 -3.14 4.80 -14.07
C GLY A 265 -3.05 6.08 -13.24
N ALA A 266 -4.05 6.29 -12.36
CA ALA A 266 -4.19 7.57 -11.67
C ALA A 266 -3.52 7.57 -10.31
N ASP A 267 -2.60 6.62 -10.09
CA ASP A 267 -1.91 6.57 -8.81
C ASP A 267 -0.71 7.52 -8.78
N THR A 268 -0.58 8.36 -9.82
CA THR A 268 0.36 9.49 -9.80
C THR A 268 -0.25 10.74 -9.16
N ILE A 269 -1.58 10.71 -8.99
CA ILE A 269 -2.32 11.93 -8.65
C ILE A 269 -2.25 12.26 -7.17
N ALA A 270 -2.04 13.53 -6.86
CA ALA A 270 -2.00 14.02 -5.48
C ALA A 270 -3.15 13.43 -4.68
N GLY A 271 -2.87 12.92 -3.49
CA GLY A 271 -3.91 12.33 -2.67
C GLY A 271 -3.96 10.82 -2.74
N ASP A 272 -3.19 10.22 -3.65
CA ASP A 272 -3.22 8.75 -3.77
C ASP A 272 -2.48 8.18 -2.56
N PRO A 273 -3.00 7.09 -1.97
CA PRO A 273 -2.29 6.49 -0.84
C PRO A 273 -0.84 6.10 -1.15
N MET A 274 -0.51 5.88 -2.43
CA MET A 274 0.87 5.61 -2.85
C MET A 274 1.81 6.77 -2.49
N CYS A 275 1.24 7.98 -2.44
CA CYS A 275 1.90 9.16 -1.90
C CYS A 275 3.30 9.35 -2.45
N SER A 276 3.41 9.30 -3.78
CA SER A 276 4.72 9.38 -4.41
CA SER A 276 4.71 9.37 -4.42
C SER A 276 4.79 10.60 -5.32
N PHE A 277 4.13 10.55 -6.47
CA PHE A 277 4.09 11.72 -7.36
C PHE A 277 3.06 12.73 -6.81
N ASN A 278 3.01 13.91 -7.41
CA ASN A 278 2.16 14.99 -6.94
C ASN A 278 1.47 15.67 -8.13
N MET A 279 0.89 14.84 -8.99
CA MET A 279 0.28 15.28 -10.24
C MET A 279 -1.18 15.66 -10.07
N THR A 280 -1.70 16.41 -11.04
CA THR A 280 -3.15 16.57 -11.13
C THR A 280 -3.61 16.07 -12.50
N PRO A 281 -4.92 15.88 -12.67
CA PRO A 281 -5.39 15.39 -13.97
C PRO A 281 -5.08 16.37 -15.10
N VAL A 282 -4.87 17.65 -14.80
CA VAL A 282 -4.56 18.59 -15.88
C VAL A 282 -3.21 18.28 -16.51
N GLY A 283 -2.22 17.90 -15.70
CA GLY A 283 -0.90 17.56 -16.20
C GLY A 283 -0.95 16.29 -17.05
N ILE A 284 -1.61 15.27 -16.54
CA ILE A 284 -1.78 14.06 -17.34
C ILE A 284 -2.54 14.38 -18.63
N GLY A 285 -3.54 15.26 -18.51
CA GLY A 285 -4.32 15.65 -19.66
C GLY A 285 -3.51 16.31 -20.76
N LYS A 286 -2.47 17.07 -20.38
CA LYS A 286 -1.61 17.66 -21.39
CA LYS A 286 -1.60 17.67 -21.40
C LYS A 286 -0.82 16.59 -22.14
N CYS A 287 -0.37 15.56 -21.42
CA CYS A 287 0.28 14.40 -22.05
C CYS A 287 -0.68 13.72 -23.03
N LEU A 288 -1.91 13.52 -22.58
CA LEU A 288 -2.93 12.91 -23.40
C LEU A 288 -3.17 13.73 -24.67
N LYS A 289 -3.30 15.04 -24.50
CA LYS A 289 -3.50 15.91 -25.66
C LYS A 289 -2.38 15.79 -26.66
N TYR A 290 -1.14 15.69 -26.18
CA TYR A 290 0.01 15.60 -27.07
C TYR A 290 -0.09 14.34 -27.93
N ILE A 291 -0.47 13.24 -27.30
CA ILE A 291 -0.63 11.96 -28.00
C ILE A 291 -1.84 12.02 -28.96
N LEU A 292 -2.93 12.60 -28.52
CA LEU A 292 -4.11 12.67 -29.38
C LEU A 292 -3.86 13.50 -30.66
N GLN A 293 -3.01 14.52 -30.59
CA GLN A 293 -2.83 15.34 -31.79
C GLN A 293 -2.00 14.62 -32.88
N TRP A 294 -1.45 13.44 -32.57
CA TRP A 294 -0.90 12.57 -33.62
C TRP A 294 -1.98 11.99 -34.55
N GLN A 295 -3.22 11.98 -34.07
CA GLN A 295 -4.38 11.49 -34.84
CA GLN A 295 -4.38 11.51 -34.84
C GLN A 295 -4.22 10.06 -35.31
N LEU A 296 -3.72 9.22 -34.39
CA LEU A 296 -3.54 7.81 -34.66
C LEU A 296 -4.62 7.04 -33.92
N ALA A 297 -4.98 5.86 -34.41
CA ALA A 297 -5.77 4.94 -33.58
C ALA A 297 -5.16 4.84 -32.18
N THR A 298 -5.98 5.08 -31.16
CA THR A 298 -5.50 5.17 -29.78
C THR A 298 -6.43 4.41 -28.85
N LEU A 299 -5.86 3.49 -28.09
CA LEU A 299 -6.62 2.68 -27.16
C LEU A 299 -6.30 3.21 -25.76
N ILE A 300 -7.32 3.69 -25.06
CA ILE A 300 -7.13 4.35 -23.77
C ILE A 300 -7.49 3.41 -22.62
N LEU A 301 -6.57 3.22 -21.68
CA LEU A 301 -6.77 2.31 -20.56
C LEU A 301 -6.55 3.03 -19.23
N GLY A 302 -7.20 2.50 -18.20
CA GLY A 302 -6.97 2.97 -16.83
C GLY A 302 -5.77 2.25 -16.23
N GLY A 303 -5.92 1.77 -15.00
CA GLY A 303 -4.83 1.05 -14.34
C GLY A 303 -4.89 1.30 -12.84
N GLY A 304 -3.74 1.61 -12.23
CA GLY A 304 -3.75 1.96 -10.81
C GLY A 304 -4.58 3.19 -10.52
N GLY A 305 -4.84 3.45 -9.24
CA GLY A 305 -5.59 4.62 -8.83
C GLY A 305 -6.31 4.19 -7.56
N TYR A 306 -5.82 4.62 -6.40
CA TYR A 306 -6.23 4.00 -5.13
C TYR A 306 -6.89 5.02 -4.21
N ASN A 307 -6.98 6.27 -4.65
CA ASN A 307 -7.89 7.25 -4.05
C ASN A 307 -9.07 7.18 -5.00
N LEU A 308 -10.14 6.53 -4.57
CA LEU A 308 -11.18 6.18 -5.52
C LEU A 308 -11.86 7.41 -6.13
N ALA A 309 -12.28 8.36 -5.29
CA ALA A 309 -12.89 9.57 -5.81
C ALA A 309 -11.93 10.36 -6.72
N ASN A 310 -10.66 10.44 -6.36
CA ASN A 310 -9.72 11.15 -7.23
C ASN A 310 -9.49 10.43 -8.56
N THR A 311 -9.56 9.10 -8.54
CA THR A 311 -9.36 8.35 -9.77
C THR A 311 -10.55 8.59 -10.68
N ALA A 312 -11.75 8.60 -10.11
CA ALA A 312 -12.92 8.96 -10.93
C ALA A 312 -12.82 10.42 -11.43
N ARG A 313 -12.40 11.34 -10.56
CA ARG A 313 -12.17 12.71 -11.00
C ARG A 313 -11.21 12.79 -12.18
N CYS A 314 -10.14 12.04 -12.07
CA CYS A 314 -9.09 12.07 -13.07
C CYS A 314 -9.62 11.54 -14.40
N TRP A 315 -10.18 10.34 -14.39
CA TRP A 315 -10.54 9.72 -15.67
C TRP A 315 -11.76 10.42 -16.28
N THR A 316 -12.62 11.01 -15.45
CA THR A 316 -13.72 11.79 -15.99
C THR A 316 -13.17 13.04 -16.67
N TYR A 317 -12.25 13.72 -15.99
CA TYR A 317 -11.63 14.89 -16.61
C TYR A 317 -10.94 14.52 -17.95
N LEU A 318 -10.25 13.39 -17.97
CA LEU A 318 -9.54 12.98 -19.20
C LEU A 318 -10.53 12.57 -20.29
N THR A 319 -11.69 12.06 -19.89
CA THR A 319 -12.73 11.78 -20.89
C THR A 319 -13.19 13.09 -21.53
N GLY A 320 -13.35 14.12 -20.71
CA GLY A 320 -13.59 15.47 -21.20
C GLY A 320 -12.54 15.96 -22.19
N VAL A 321 -11.27 15.70 -21.88
CA VAL A 321 -10.17 16.08 -22.78
C VAL A 321 -10.32 15.42 -24.14
N ILE A 322 -10.61 14.13 -24.12
CA ILE A 322 -10.80 13.36 -25.37
C ILE A 322 -11.93 13.96 -26.18
N LEU A 323 -12.98 14.39 -25.49
CA LEU A 323 -14.14 14.98 -26.17
C LEU A 323 -13.99 16.46 -26.49
N GLY A 324 -12.91 17.06 -26.01
CA GLY A 324 -12.68 18.47 -26.24
C GLY A 324 -13.64 19.37 -25.45
N LYS A 325 -14.09 18.86 -24.31
CA LYS A 325 -15.05 19.59 -23.48
C LYS A 325 -14.47 20.12 -22.17
N THR A 326 -14.93 21.30 -21.77
CA THR A 326 -14.64 21.85 -20.45
C THR A 326 -15.77 21.45 -19.50
N LEU A 327 -15.42 20.79 -18.39
CA LEU A 327 -16.45 20.28 -17.48
C LEU A 327 -16.72 21.24 -16.35
N SER A 328 -17.95 21.22 -15.83
CA SER A 328 -18.27 22.02 -14.66
C SER A 328 -17.39 21.65 -13.47
N SER A 329 -16.94 22.66 -12.72
CA SER A 329 -16.10 22.40 -11.56
CA SER A 329 -16.10 22.41 -11.56
C SER A 329 -16.84 21.67 -10.45
N GLU A 330 -18.14 21.90 -10.35
CA GLU A 330 -18.92 21.27 -9.28
C GLU A 330 -19.24 19.83 -9.62
N ILE A 331 -18.95 18.93 -8.69
CA ILE A 331 -19.34 17.53 -8.89
C ILE A 331 -20.86 17.42 -8.89
N PRO A 332 -21.45 16.83 -9.93
CA PRO A 332 -22.91 16.70 -9.95
C PRO A 332 -23.44 15.69 -8.92
N ASP A 333 -24.64 15.92 -8.41
CA ASP A 333 -25.25 14.90 -7.55
C ASP A 333 -25.37 13.59 -8.34
N HIS A 334 -25.01 12.48 -7.70
CA HIS A 334 -25.11 11.15 -8.28
C HIS A 334 -24.92 10.14 -7.13
N GLU A 335 -24.91 8.86 -7.48
CA GLU A 335 -24.87 7.76 -6.51
C GLU A 335 -23.76 7.92 -5.48
N PHE A 336 -22.59 8.40 -5.92
CA PHE A 336 -21.42 8.43 -5.06
C PHE A 336 -21.02 9.83 -4.61
N PHE A 337 -21.97 10.77 -4.72
CA PHE A 337 -21.68 12.16 -4.42
C PHE A 337 -21.04 12.38 -3.04
N THR A 338 -21.44 11.62 -2.02
CA THR A 338 -20.92 11.82 -0.66
CA THR A 338 -20.94 11.86 -0.68
C THR A 338 -19.42 11.55 -0.57
N ALA A 339 -18.91 10.79 -1.51
CA ALA A 339 -17.48 10.47 -1.49
C ALA A 339 -16.57 11.62 -1.95
N TYR A 340 -17.17 12.71 -2.43
CA TYR A 340 -16.40 13.76 -3.09
C TYR A 340 -16.12 14.91 -2.16
N GLY A 341 -16.41 14.72 -0.88
CA GLY A 341 -16.13 15.75 0.12
C GLY A 341 -14.65 15.81 0.46
N PRO A 342 -14.20 16.87 1.14
CA PRO A 342 -15.07 17.89 1.73
C PRO A 342 -15.39 19.03 0.76
N ASP A 343 -14.76 19.07 -0.41
CA ASP A 343 -14.99 20.23 -1.29
C ASP A 343 -15.91 20.02 -2.47
N TYR A 344 -16.19 18.76 -2.85
CA TYR A 344 -17.17 18.45 -3.92
C TYR A 344 -16.89 19.14 -5.26
N VAL A 345 -15.61 19.28 -5.61
CA VAL A 345 -15.26 19.82 -6.91
C VAL A 345 -14.37 18.85 -7.68
N LEU A 346 -14.27 19.10 -8.98
CA LEU A 346 -13.59 18.17 -9.89
C LEU A 346 -12.06 18.35 -9.83
N GLU A 347 -11.62 19.58 -9.61
CA GLU A 347 -10.18 19.91 -9.57
C GLU A 347 -9.51 19.31 -8.35
N ILE A 348 -8.29 18.82 -8.54
CA ILE A 348 -7.47 18.28 -7.46
C ILE A 348 -6.27 19.20 -7.16
N THR A 349 -6.10 19.55 -5.90
CA THR A 349 -5.00 20.46 -5.47
C THR A 349 -3.76 19.63 -5.13
N PRO A 350 -2.57 20.02 -5.65
CA PRO A 350 -1.36 19.26 -5.28
C PRO A 350 -1.09 19.31 -3.77
N SER A 351 -0.43 18.26 -3.26
CA SER A 351 -0.03 18.20 -1.85
C SER A 351 1.15 19.13 -1.60
N CYS A 352 1.31 19.60 -0.36
CA CYS A 352 2.45 20.41 -0.01
CA CYS A 352 2.46 20.41 -0.03
C CYS A 352 3.63 19.52 0.38
N ARG A 353 4.26 18.93 -0.63
CA ARG A 353 5.43 18.03 -0.48
C ARG A 353 6.49 18.47 -1.46
N PRO A 354 7.77 18.23 -1.14
CA PRO A 354 8.82 18.67 -2.06
C PRO A 354 8.94 17.80 -3.31
N ASP A 355 9.38 18.42 -4.40
CA ASP A 355 9.75 17.69 -5.61
C ASP A 355 11.20 17.25 -5.45
N ARG A 356 11.45 15.94 -5.47
CA ARG A 356 12.81 15.43 -5.29
C ARG A 356 13.56 15.26 -6.60
N ASN A 357 13.00 15.74 -7.71
CA ASN A 357 13.66 15.58 -9.01
C ASN A 357 14.61 16.70 -9.34
N GLU A 358 15.90 16.39 -9.29
CA GLU A 358 16.92 17.38 -9.57
C GLU A 358 17.07 17.57 -11.09
N PRO A 359 17.10 18.83 -11.56
CA PRO A 359 17.10 19.14 -12.99
C PRO A 359 18.28 18.54 -13.77
N HIS A 360 19.45 18.45 -13.15
CA HIS A 360 20.59 17.87 -13.88
C HIS A 360 20.39 16.37 -14.13
N ARG A 361 19.85 15.62 -13.17
CA ARG A 361 19.63 14.20 -13.38
C ARG A 361 18.53 13.95 -14.43
N ILE A 362 17.47 14.76 -14.42
CA ILE A 362 16.41 14.63 -15.41
CA ILE A 362 16.42 14.65 -15.42
C ILE A 362 16.98 14.87 -16.83
N GLN A 363 17.83 15.87 -16.97
CA GLN A 363 18.43 16.15 -18.27
C GLN A 363 19.34 14.99 -18.73
N GLN A 364 20.12 14.41 -17.79
CA GLN A 364 20.94 13.22 -18.08
C GLN A 364 20.06 12.11 -18.64
N ILE A 365 18.96 11.85 -17.96
CA ILE A 365 18.05 10.78 -18.36
C ILE A 365 17.51 11.05 -19.77
N LEU A 366 17.08 12.27 -20.02
CA LEU A 366 16.59 12.61 -21.34
C LEU A 366 17.67 12.43 -22.40
N ASN A 367 18.89 12.85 -22.08
CA ASN A 367 20.00 12.71 -23.02
C ASN A 367 20.31 11.24 -23.30
N TYR A 368 20.24 10.44 -22.26
CA TYR A 368 20.49 8.99 -22.39
C TYR A 368 19.46 8.35 -23.31
N ILE A 369 18.20 8.71 -23.12
CA ILE A 369 17.12 8.19 -23.96
C ILE A 369 17.30 8.66 -25.41
N LYS A 370 17.66 9.93 -25.60
CA LYS A 370 17.92 10.41 -26.97
C LYS A 370 19.00 9.58 -27.66
N GLY A 371 20.04 9.21 -26.93
CA GLY A 371 21.12 8.42 -27.50
C GLY A 371 20.61 7.04 -27.90
N ASN A 372 19.78 6.44 -27.03
CA ASN A 372 19.18 5.14 -27.33
C ASN A 372 18.32 5.20 -28.59
N LEU A 373 17.51 6.26 -28.71
CA LEU A 373 16.57 6.34 -29.82
C LEU A 373 17.26 6.61 -31.17
N LYS A 374 18.49 7.11 -31.14
CA LYS A 374 19.22 7.27 -32.38
C LYS A 374 19.38 5.91 -33.07
N HIS A 375 19.41 4.85 -32.27
CA HIS A 375 19.54 3.50 -32.84
C HIS A 375 18.29 3.04 -33.58
N VAL A 376 17.15 3.62 -33.23
CA VAL A 376 15.88 3.17 -33.79
C VAL A 376 15.72 3.71 -35.20
N VAL A 377 15.64 2.77 -36.15
CA VAL A 377 15.62 3.06 -37.59
C VAL A 377 14.55 2.21 -38.29
N ILE A 378 13.51 2.85 -38.79
CA ILE A 378 12.41 2.10 -39.41
C ILE A 378 12.65 1.95 -40.91
N LEU B 14 9.85 -15.52 35.79
CA LEU B 14 10.68 -14.38 35.38
C LEU B 14 10.97 -14.38 33.87
N VAL B 15 10.79 -15.51 33.19
CA VAL B 15 11.00 -15.54 31.75
C VAL B 15 9.82 -14.85 31.07
N PRO B 16 10.04 -14.36 29.85
CA PRO B 16 8.94 -13.69 29.13
C PRO B 16 7.79 -14.62 28.81
N VAL B 17 6.57 -14.08 28.79
CA VAL B 17 5.42 -14.85 28.32
C VAL B 17 5.30 -14.70 26.81
N TYR B 18 5.04 -15.81 26.15
CA TYR B 18 4.87 -15.85 24.70
C TYR B 18 3.45 -16.31 24.44
N ILE B 19 2.62 -15.42 23.90
CA ILE B 19 1.23 -15.81 23.65
C ILE B 19 1.16 -16.62 22.36
N TYR B 20 0.69 -17.86 22.47
CA TYR B 20 0.73 -18.80 21.36
C TYR B 20 -0.20 -19.99 21.58
N SER B 21 -0.92 -20.36 20.51
CA SER B 21 -1.50 -21.71 20.39
C SER B 21 -1.59 -21.97 18.88
N PRO B 22 -1.58 -23.24 18.47
CA PRO B 22 -1.74 -23.53 17.04
C PRO B 22 -3.04 -22.93 16.49
N GLU B 23 -4.11 -22.98 17.28
CA GLU B 23 -5.40 -22.44 16.85
C GLU B 23 -5.34 -20.92 16.63
N TYR B 24 -4.61 -20.26 17.51
CA TYR B 24 -4.48 -18.80 17.44
C TYR B 24 -3.68 -18.41 16.20
N VAL B 25 -2.56 -19.10 15.97
CA VAL B 25 -1.78 -18.83 14.78
C VAL B 25 -2.61 -19.09 13.51
N SER B 26 -3.33 -20.20 13.48
N SER B 26 -3.33 -20.20 13.47
CA SER B 26 -4.17 -20.51 12.33
CA SER B 26 -4.16 -20.48 12.30
C SER B 26 -5.19 -19.40 12.05
C SER B 26 -5.19 -19.38 12.04
N MET B 27 -5.79 -18.87 13.11
CA MET B 27 -6.75 -17.79 12.97
C MET B 27 -6.04 -16.53 12.41
N CYS B 28 -4.91 -16.17 13.00
CA CYS B 28 -4.21 -14.96 12.59
C CYS B 28 -3.69 -15.09 11.16
N ASP B 29 -3.34 -16.31 10.77
CA ASP B 29 -2.87 -16.59 9.39
C ASP B 29 -3.85 -16.23 8.32
N SER B 30 -5.12 -16.15 8.71
CA SER B 30 -6.19 -16.10 7.74
C SER B 30 -6.40 -14.73 7.10
N LEU B 31 -5.80 -13.67 7.64
CA LEU B 31 -6.03 -12.33 7.07
C LEU B 31 -5.30 -12.22 5.72
N ALA B 32 -6.06 -11.91 4.67
CA ALA B 32 -5.55 -12.05 3.31
C ALA B 32 -4.45 -11.03 2.95
N LYS B 33 -4.36 -9.92 3.68
CA LYS B 33 -3.28 -8.96 3.41
C LYS B 33 -1.92 -9.42 3.94
N ILE B 34 -1.93 -10.34 4.90
CA ILE B 34 -0.70 -10.87 5.50
C ILE B 34 -0.82 -12.38 5.63
N PRO B 35 -1.07 -13.06 4.50
CA PRO B 35 -1.41 -14.48 4.59
C PRO B 35 -0.24 -15.31 5.12
N LYS B 36 -0.56 -16.13 6.14
CA LYS B 36 0.38 -16.99 6.86
C LYS B 36 1.47 -16.25 7.58
N ARG B 37 1.35 -14.93 7.75
CA ARG B 37 2.42 -14.21 8.45
C ARG B 37 2.61 -14.71 9.90
N ALA B 38 1.52 -15.00 10.60
CA ALA B 38 1.64 -15.46 12.00
C ALA B 38 2.42 -16.76 12.09
N ASP B 39 2.13 -17.67 11.15
CA ASP B 39 2.84 -18.95 11.08
C ASP B 39 4.30 -18.75 10.71
N MET B 40 4.57 -17.82 9.80
CA MET B 40 5.99 -17.57 9.46
C MET B 40 6.75 -17.03 10.65
N VAL B 41 6.15 -16.10 11.39
CA VAL B 41 6.80 -15.54 12.55
C VAL B 41 7.04 -16.59 13.62
N HIS B 42 5.98 -17.31 13.97
CA HIS B 42 6.12 -18.33 14.99
C HIS B 42 7.09 -19.44 14.54
N SER B 43 7.03 -19.83 13.28
CA SER B 43 7.87 -20.96 12.85
CA SER B 43 7.86 -20.94 12.80
C SER B 43 9.34 -20.57 12.81
N LEU B 44 9.66 -19.30 12.55
CA LEU B 44 11.07 -18.89 12.59
C LEU B 44 11.56 -18.82 14.05
N ILE B 45 10.71 -18.29 14.93
CA ILE B 45 11.01 -18.27 16.38
C ILE B 45 11.26 -19.70 16.87
N GLU B 46 10.41 -20.61 16.43
CA GLU B 46 10.53 -22.02 16.79
C GLU B 46 11.82 -22.65 16.23
N ALA B 47 12.17 -22.30 15.00
CA ALA B 47 13.35 -22.90 14.37
C ALA B 47 14.63 -22.43 15.05
N TYR B 48 14.59 -21.27 15.68
CA TYR B 48 15.71 -20.78 16.48
C TYR B 48 15.63 -21.25 17.93
N ALA B 49 14.61 -22.04 18.23
CA ALA B 49 14.38 -22.63 19.55
C ALA B 49 14.08 -21.61 20.67
N LEU B 50 13.64 -20.41 20.30
CA LEU B 50 13.44 -19.35 21.30
C LEU B 50 12.22 -19.60 22.20
N HIS B 51 11.25 -20.34 21.68
CA HIS B 51 10.05 -20.62 22.45
C HIS B 51 10.34 -21.50 23.67
N LYS B 52 11.46 -22.25 23.64
CA LYS B 52 11.88 -23.06 24.79
C LYS B 52 12.38 -22.19 25.94
N GLN B 53 12.69 -20.93 25.64
CA GLN B 53 13.17 -19.99 26.65
C GLN B 53 12.07 -19.06 27.17
N MET B 54 10.83 -19.31 26.78
CA MET B 54 9.69 -18.45 27.20
C MET B 54 8.59 -19.29 27.83
N ARG B 55 7.67 -18.62 28.49
CA ARG B 55 6.52 -19.30 29.07
C ARG B 55 5.38 -19.19 28.07
N ILE B 56 5.04 -20.31 27.45
CA ILE B 56 4.04 -20.32 26.40
C ILE B 56 2.64 -20.32 27.05
N VAL B 57 1.87 -19.31 26.71
CA VAL B 57 0.54 -19.12 27.29
C VAL B 57 -0.53 -19.11 26.19
N LYS B 58 -1.54 -19.96 26.34
CA LYS B 58 -2.65 -20.01 25.38
C LYS B 58 -3.53 -18.78 25.56
N PRO B 59 -3.86 -18.09 24.46
CA PRO B 59 -4.72 -16.91 24.59
C PRO B 59 -6.17 -17.28 24.77
N LYS B 60 -6.87 -16.48 25.55
CA LYS B 60 -8.33 -16.57 25.61
C LYS B 60 -8.92 -15.75 24.46
N VAL B 61 -10.17 -16.04 24.09
CA VAL B 61 -10.88 -15.18 23.15
C VAL B 61 -11.57 -14.06 23.94
N ALA B 62 -11.57 -12.83 23.41
CA ALA B 62 -12.14 -11.71 24.13
C ALA B 62 -13.65 -11.84 24.22
N SER B 63 -14.21 -11.53 25.39
CA SER B 63 -15.67 -11.44 25.57
C SER B 63 -16.22 -10.14 24.97
N MET B 64 -17.54 -10.07 24.80
CA MET B 64 -18.14 -8.87 24.26
C MET B 64 -17.91 -7.73 25.23
N GLU B 65 -18.01 -8.03 26.53
CA GLU B 65 -17.82 -6.99 27.52
C GLU B 65 -16.39 -6.46 27.46
N GLU B 66 -15.43 -7.35 27.21
CA GLU B 66 -14.04 -6.92 27.09
C GLU B 66 -13.82 -6.05 25.87
N MET B 67 -14.38 -6.47 24.74
CA MET B 67 -14.21 -5.67 23.53
C MET B 67 -14.92 -4.31 23.66
N ALA B 68 -16.01 -4.29 24.44
CA ALA B 68 -16.77 -3.06 24.63
C ALA B 68 -16.11 -2.09 25.61
N THR B 69 -14.99 -2.50 26.23
CA THR B 69 -14.25 -1.51 27.02
C THR B 69 -13.83 -0.36 26.12
N PHE B 70 -13.67 -0.62 24.81
CA PHE B 70 -13.32 0.44 23.85
C PHE B 70 -14.34 0.58 22.73
N HIS B 71 -14.67 -0.53 22.10
CA HIS B 71 -15.51 -0.45 20.90
C HIS B 71 -16.98 -0.32 21.24
N THR B 72 -17.72 0.39 20.39
CA THR B 72 -19.15 0.60 20.63
C THR B 72 -19.94 -0.68 20.34
N ASP B 73 -21.07 -0.83 21.02
CA ASP B 73 -21.92 -1.99 20.81
CA ASP B 73 -21.90 -2.00 20.81
C ASP B 73 -22.35 -2.08 19.35
N ALA B 74 -22.66 -0.93 18.76
CA ALA B 74 -23.14 -0.92 17.37
C ALA B 74 -22.04 -1.40 16.43
N TYR B 75 -20.80 -0.99 16.69
CA TYR B 75 -19.70 -1.47 15.86
C TYR B 75 -19.52 -2.97 16.02
N LEU B 76 -19.51 -3.45 17.26
CA LEU B 76 -19.27 -4.89 17.47
C LEU B 76 -20.41 -5.73 16.85
N GLN B 77 -21.64 -5.25 16.99
CA GLN B 77 -22.77 -5.98 16.40
C GLN B 77 -22.67 -6.02 14.89
N HIS B 78 -22.20 -4.93 14.29
CA HIS B 78 -22.04 -4.88 12.85
CA HIS B 78 -22.05 -4.90 12.84
C HIS B 78 -20.93 -5.83 12.40
N LEU B 79 -19.83 -5.83 13.16
CA LEU B 79 -18.73 -6.76 12.90
C LEU B 79 -19.23 -8.22 12.88
N GLN B 80 -20.06 -8.57 13.86
CA GLN B 80 -20.64 -9.91 13.92
C GLN B 80 -21.50 -10.15 12.70
N LYS B 81 -22.29 -9.15 12.34
CA LYS B 81 -23.25 -9.27 11.23
C LYS B 81 -22.53 -9.53 9.91
N VAL B 82 -21.52 -8.74 9.60
CA VAL B 82 -20.77 -8.89 8.35
C VAL B 82 -19.97 -10.20 8.33
N SER B 83 -19.71 -10.78 9.50
CA SER B 83 -18.93 -12.01 9.57
CA SER B 83 -18.93 -11.99 9.60
C SER B 83 -19.77 -13.22 9.28
N GLN B 84 -21.09 -13.03 9.32
CA GLN B 84 -22.06 -14.09 9.07
C GLN B 84 -22.45 -14.14 7.61
N HIS B 90 -23.11 -4.44 1.71
CA HIS B 90 -23.18 -4.41 3.17
C HIS B 90 -23.74 -3.08 3.68
N PRO B 91 -24.77 -3.13 4.53
CA PRO B 91 -25.69 -2.02 4.86
C PRO B 91 -25.03 -0.69 5.25
N ASP B 92 -24.73 -0.53 6.53
CA ASP B 92 -24.06 0.66 7.02
C ASP B 92 -22.56 0.41 7.14
N SER B 93 -22.03 -0.41 6.24
CA SER B 93 -20.64 -0.85 6.31
C SER B 93 -19.66 0.30 6.22
N ILE B 94 -19.89 1.19 5.25
CA ILE B 94 -19.03 2.35 5.05
C ILE B 94 -18.95 3.20 6.30
N GLU B 95 -20.08 3.35 6.98
CA GLU B 95 -20.14 4.06 8.26
C GLU B 95 -19.12 3.46 9.23
N TYR B 96 -18.92 2.14 9.15
CA TYR B 96 -18.02 1.49 10.11
C TYR B 96 -16.70 1.05 9.48
N GLY B 97 -16.47 1.36 8.21
CA GLY B 97 -15.31 0.87 7.48
C GLY B 97 -15.26 -0.62 7.17
N LEU B 98 -16.40 -1.29 7.12
CA LEU B 98 -16.44 -2.74 6.99
C LEU B 98 -16.96 -3.19 5.63
N ASP B 101 -14.83 -6.00 1.35
CA ASP B 101 -14.52 -7.26 0.67
C ASP B 101 -14.57 -8.46 1.62
N CYS B 102 -13.88 -9.54 1.25
CA CYS B 102 -13.76 -10.74 2.08
C CYS B 102 -12.32 -10.84 2.59
N PRO B 103 -12.06 -10.30 3.80
CA PRO B 103 -10.68 -10.03 4.22
C PRO B 103 -9.90 -11.25 4.73
N ALA B 104 -10.59 -12.36 5.05
CA ALA B 104 -9.93 -13.49 5.68
C ALA B 104 -10.63 -14.79 5.33
N THR B 105 -9.92 -15.91 5.50
CA THR B 105 -10.53 -17.23 5.27
C THR B 105 -11.29 -17.69 6.52
N GLU B 106 -11.33 -16.81 7.51
CA GLU B 106 -12.18 -16.98 8.70
C GLU B 106 -13.07 -15.74 8.81
N GLY B 107 -14.12 -15.83 9.62
CA GLY B 107 -14.96 -14.66 9.89
C GLY B 107 -14.17 -13.54 10.56
N ILE B 108 -14.35 -12.31 10.11
CA ILE B 108 -13.50 -11.24 10.61
C ILE B 108 -13.78 -10.93 12.10
N PHE B 109 -15.01 -11.16 12.56
CA PHE B 109 -15.29 -10.98 13.97
C PHE B 109 -14.47 -11.97 14.80
N ASP B 110 -14.42 -13.22 14.36
CA ASP B 110 -13.67 -14.22 15.12
C ASP B 110 -12.18 -13.89 15.12
N TYR B 111 -11.67 -13.42 13.98
CA TYR B 111 -10.28 -12.99 13.85
C TYR B 111 -9.98 -11.89 14.87
N ALA B 112 -10.86 -10.89 14.91
CA ALA B 112 -10.73 -9.75 15.82
C ALA B 112 -10.80 -10.14 17.28
N ALA B 113 -11.79 -10.95 17.65
CA ALA B 113 -11.96 -11.37 19.04
C ALA B 113 -10.76 -12.21 19.51
N ALA B 114 -10.18 -12.97 18.60
CA ALA B 114 -9.01 -13.79 18.94
C ALA B 114 -7.83 -12.91 19.26
N ILE B 115 -7.61 -11.89 18.44
CA ILE B 115 -6.43 -11.05 18.67
C ILE B 115 -6.64 -10.17 19.90
N GLY B 116 -7.84 -9.65 20.06
CA GLY B 116 -8.19 -8.87 21.24
C GLY B 116 -7.99 -9.71 22.48
N GLY B 117 -8.45 -10.97 22.44
CA GLY B 117 -8.26 -11.87 23.55
C GLY B 117 -6.80 -12.13 23.89
N ALA B 118 -5.98 -12.28 22.86
CA ALA B 118 -4.58 -12.58 23.07
C ALA B 118 -3.86 -11.42 23.74
N THR B 119 -4.18 -10.19 23.33
CA THR B 119 -3.50 -9.06 23.92
C THR B 119 -3.96 -8.87 25.36
N ILE B 120 -5.25 -9.09 25.60
CA ILE B 120 -5.75 -8.99 26.97
C ILE B 120 -5.10 -10.08 27.84
N THR B 121 -4.95 -11.28 27.29
CA THR B 121 -4.27 -12.35 28.02
C THR B 121 -2.85 -11.92 28.41
N ALA B 122 -2.12 -11.36 27.46
CA ALA B 122 -0.79 -10.84 27.75
C ALA B 122 -0.81 -9.79 28.86
N ALA B 123 -1.73 -8.84 28.77
CA ALA B 123 -1.84 -7.81 29.81
C ALA B 123 -2.15 -8.43 31.18
N GLN B 124 -3.05 -9.40 31.19
CA GLN B 124 -3.41 -10.07 32.46
C GLN B 124 -2.21 -10.81 33.07
N CYS B 125 -1.38 -11.43 32.23
CA CYS B 125 -0.14 -12.06 32.74
C CYS B 125 0.76 -11.04 33.43
N LEU B 126 0.82 -9.84 32.86
CA LEU B 126 1.66 -8.79 33.42
C LEU B 126 1.09 -8.29 34.75
N ILE B 127 -0.23 -8.16 34.80
CA ILE B 127 -0.89 -7.79 36.06
C ILE B 127 -0.62 -8.82 37.14
N ASP B 128 -0.75 -10.09 36.76
CA ASP B 128 -0.67 -11.15 37.76
C ASP B 128 0.77 -11.39 38.18
N GLY B 129 1.71 -10.68 37.55
CA GLY B 129 3.11 -10.80 37.90
C GLY B 129 3.76 -12.07 37.41
N MET B 130 3.14 -12.72 36.43
CA MET B 130 3.72 -13.94 35.85
C MET B 130 5.06 -13.67 35.14
N CYS B 131 5.26 -12.41 34.74
CA CYS B 131 6.38 -12.04 33.89
C CYS B 131 6.58 -10.53 33.92
N LYS B 132 7.70 -10.06 33.38
CA LYS B 132 7.90 -8.61 33.20
C LYS B 132 7.70 -8.21 31.75
N VAL B 133 7.78 -9.20 30.86
CA VAL B 133 7.55 -8.99 29.42
C VAL B 133 6.54 -10.03 28.91
N ALA B 134 5.53 -9.59 28.17
CA ALA B 134 4.58 -10.53 27.58
C ALA B 134 4.41 -10.16 26.13
N ILE B 135 4.44 -11.16 25.25
CA ILE B 135 4.53 -10.93 23.82
C ILE B 135 3.32 -11.45 23.03
N ASN B 136 2.73 -10.59 22.22
CA ASN B 136 1.71 -11.06 21.27
C ASN B 136 2.07 -10.50 19.91
N TRP B 137 2.87 -11.24 19.14
CA TRP B 137 3.35 -10.69 17.88
C TRP B 137 2.27 -10.51 16.82
N SER B 138 1.13 -11.19 16.95
CA SER B 138 0.03 -11.03 16.00
CA SER B 138 0.10 -10.96 15.93
C SER B 138 -0.94 -9.92 16.35
N GLY B 139 -0.65 -9.19 17.43
CA GLY B 139 -1.45 -8.04 17.84
C GLY B 139 -0.83 -6.70 17.38
N GLY B 140 -1.31 -5.59 17.92
CA GLY B 140 -0.77 -4.29 17.53
C GLY B 140 -1.57 -3.51 16.49
N TRP B 141 -2.87 -3.80 16.37
CA TRP B 141 -3.67 -3.19 15.29
C TRP B 141 -4.20 -1.82 15.68
N HIS B 142 -3.27 -0.88 15.59
CA HIS B 142 -3.38 0.44 16.22
C HIS B 142 -4.27 1.48 15.53
N HIS B 143 -4.80 1.19 14.34
CA HIS B 143 -5.60 2.19 13.61
C HIS B 143 -7.09 2.12 13.90
N ALA B 144 -7.56 1.00 14.45
CA ALA B 144 -9.02 0.87 14.62
C ALA B 144 -9.52 1.89 15.65
N LYS B 145 -10.69 2.49 15.36
CA LYS B 145 -11.36 3.45 16.23
C LYS B 145 -12.48 2.76 17.00
N LYS B 146 -13.11 3.49 17.93
CA LYS B 146 -14.14 2.85 18.75
C LYS B 146 -15.25 2.30 17.86
N ASP B 147 -15.47 2.96 16.72
CA ASP B 147 -16.55 2.54 15.83
C ASP B 147 -16.16 2.49 14.37
N GLU B 148 -14.90 2.22 14.08
CA GLU B 148 -14.46 2.23 12.69
C GLU B 148 -13.26 1.36 12.47
N ALA B 149 -13.34 0.46 11.50
CA ALA B 149 -12.14 -0.26 11.07
C ALA B 149 -11.33 0.66 10.14
N SER B 150 -10.02 0.45 10.11
CA SER B 150 -9.14 1.36 9.39
C SER B 150 -7.77 0.72 9.24
N GLY B 151 -7.12 0.85 8.09
CA GLY B 151 -5.70 0.49 8.03
C GLY B 151 -5.43 -0.98 8.32
N PHE B 152 -6.35 -1.83 7.85
CA PHE B 152 -6.27 -3.30 8.05
C PHE B 152 -6.53 -3.72 9.50
N CYS B 153 -6.99 -2.77 10.32
CA CYS B 153 -7.28 -2.99 11.74
C CYS B 153 -8.77 -3.04 11.97
N TYR B 154 -9.25 -4.10 12.63
CA TYR B 154 -10.69 -4.29 12.81
C TYR B 154 -11.07 -4.17 14.27
N LEU B 155 -10.09 -4.34 15.12
CA LEU B 155 -10.30 -4.23 16.54
C LEU B 155 -9.02 -3.69 17.14
N ASN B 156 -9.08 -2.68 18.01
CA ASN B 156 -7.83 -2.10 18.49
C ASN B 156 -7.33 -2.85 19.71
N ASP B 157 -6.63 -3.95 19.47
CA ASP B 157 -6.19 -4.77 20.60
C ASP B 157 -5.19 -4.03 21.46
N ALA B 158 -4.46 -3.07 20.89
CA ALA B 158 -3.53 -2.27 21.71
C ALA B 158 -4.31 -1.50 22.77
N VAL B 159 -5.40 -0.83 22.36
CA VAL B 159 -6.21 -0.15 23.36
C VAL B 159 -6.77 -1.13 24.38
N LEU B 160 -7.26 -2.28 23.92
CA LEU B 160 -7.82 -3.23 24.88
C LEU B 160 -6.76 -3.66 25.91
N GLY B 161 -5.51 -3.81 25.46
CA GLY B 161 -4.47 -4.21 26.39
C GLY B 161 -4.16 -3.11 27.40
N ILE B 162 -4.11 -1.87 26.92
CA ILE B 162 -3.85 -0.74 27.81
C ILE B 162 -4.98 -0.66 28.84
N LEU B 163 -6.22 -0.83 28.40
CA LEU B 163 -7.35 -0.72 29.33
C LEU B 163 -7.31 -1.83 30.36
N ARG B 164 -6.84 -3.01 29.97
CA ARG B 164 -6.65 -4.07 30.96
C ARG B 164 -5.55 -3.69 31.96
N LEU B 165 -4.42 -3.19 31.47
CA LEU B 165 -3.32 -2.80 32.37
C LEU B 165 -3.75 -1.69 33.33
N ARG B 166 -4.69 -0.85 32.92
CA ARG B 166 -5.20 0.22 33.78
C ARG B 166 -5.90 -0.31 35.02
N ARG B 167 -6.22 -1.60 35.07
CA ARG B 167 -6.78 -2.19 36.29
C ARG B 167 -5.80 -2.08 37.44
N LYS B 168 -4.51 -2.07 37.10
CA LYS B 168 -3.46 -2.10 38.10
C LYS B 168 -2.52 -0.89 38.04
N PHE B 169 -2.16 -0.46 36.83
CA PHE B 169 -1.11 0.54 36.67
C PHE B 169 -1.68 1.93 36.45
N GLU B 170 -1.21 2.90 37.24
CA GLU B 170 -1.74 4.26 37.21
C GLU B 170 -1.27 5.09 36.05
N ARG B 171 -0.10 4.77 35.50
CA ARG B 171 0.43 5.52 34.39
C ARG B 171 1.00 4.53 33.43
N ILE B 172 0.51 4.58 32.20
CA ILE B 172 0.95 3.64 31.18
C ILE B 172 1.51 4.43 30.01
N LEU B 173 2.66 3.97 29.50
CA LEU B 173 3.31 4.55 28.33
C LEU B 173 3.09 3.63 27.14
N TYR B 174 2.48 4.17 26.09
CA TYR B 174 2.31 3.44 24.82
C TYR B 174 3.31 3.99 23.84
N VAL B 175 4.15 3.12 23.27
CA VAL B 175 5.16 3.54 22.31
C VAL B 175 4.91 2.81 20.99
N ASP B 176 4.80 3.57 19.90
CA ASP B 176 4.33 3.01 18.64
C ASP B 176 5.40 3.24 17.56
N LEU B 177 6.12 2.17 17.18
CA LEU B 177 7.20 2.31 16.22
C LEU B 177 6.83 1.81 14.84
N ASP B 178 5.53 1.54 14.62
CA ASP B 178 5.01 1.25 13.27
C ASP B 178 5.35 2.41 12.33
N LEU B 179 5.44 2.14 11.02
CA LEU B 179 5.66 3.20 10.04
C LEU B 179 4.59 4.28 10.15
N HIS B 180 3.37 3.84 10.49
CA HIS B 180 2.21 4.74 10.45
C HIS B 180 1.86 5.30 11.82
N HIS B 181 1.23 6.46 11.83
CA HIS B 181 0.80 7.09 13.09
C HIS B 181 -0.19 6.20 13.84
N GLY B 182 0.05 5.98 15.13
CA GLY B 182 -0.87 5.18 15.95
C GLY B 182 -2.11 5.97 16.34
N ASP B 183 -2.92 6.34 15.35
CA ASP B 183 -4.01 7.29 15.57
C ASP B 183 -5.16 6.72 16.40
N GLY B 184 -5.44 5.43 16.25
CA GLY B 184 -6.54 4.84 17.01
C GLY B 184 -6.24 4.85 18.49
N VAL B 185 -5.01 4.53 18.84
CA VAL B 185 -4.63 4.46 20.25
C VAL B 185 -4.52 5.88 20.80
N GLU B 186 -3.95 6.78 20.02
CA GLU B 186 -3.85 8.15 20.50
C GLU B 186 -5.25 8.73 20.74
N ASP B 187 -6.17 8.47 19.82
CA ASP B 187 -7.53 9.01 19.95
C ASP B 187 -8.22 8.46 21.18
N ALA B 188 -8.00 7.17 21.45
CA ALA B 188 -8.62 6.51 22.60
C ALA B 188 -8.27 7.23 23.91
N PHE B 189 -7.05 7.78 23.96
CA PHE B 189 -6.57 8.35 25.21
C PHE B 189 -6.27 9.84 25.08
N SER B 190 -6.80 10.48 24.05
CA SER B 190 -6.38 11.86 23.76
CA SER B 190 -6.41 11.86 23.75
C SER B 190 -6.73 12.83 24.88
N PHE B 191 -7.82 12.54 25.58
CA PHE B 191 -8.30 13.43 26.66
C PHE B 191 -7.86 13.05 28.06
N THR B 192 -6.97 12.08 28.19
CA THR B 192 -6.55 11.66 29.53
C THR B 192 -5.03 11.69 29.70
N SER B 193 -4.63 11.85 30.96
CA SER B 193 -3.22 11.90 31.34
C SER B 193 -2.73 10.60 31.99
N LYS B 194 -3.59 9.60 32.09
CA LYS B 194 -3.18 8.31 32.65
C LYS B 194 -2.41 7.47 31.66
N VAL B 195 -2.59 7.75 30.37
CA VAL B 195 -1.88 7.02 29.35
C VAL B 195 -1.19 8.04 28.47
N MET B 196 0.12 7.95 28.33
CA MET B 196 0.85 8.81 27.42
CA MET B 196 0.87 8.81 27.42
C MET B 196 1.15 8.02 26.16
N THR B 197 0.81 8.59 25.01
CA THR B 197 1.09 7.86 23.76
C THR B 197 2.25 8.56 23.05
N VAL B 198 3.16 7.76 22.51
CA VAL B 198 4.32 8.29 21.78
C VAL B 198 4.39 7.54 20.47
N SER B 199 4.37 8.27 19.34
CA SER B 199 4.43 7.59 18.04
C SER B 199 5.53 8.22 17.19
N LEU B 200 6.41 7.39 16.63
CA LEU B 200 7.35 7.81 15.60
C LEU B 200 6.77 7.28 14.30
N HIS B 201 6.67 8.11 13.26
CA HIS B 201 6.01 7.66 12.02
C HIS B 201 6.34 8.57 10.87
N LYS B 202 6.10 8.06 9.68
CA LYS B 202 6.15 8.88 8.50
C LYS B 202 5.01 9.86 8.52
N PHE B 203 5.33 11.11 8.26
CA PHE B 203 4.33 12.16 8.25
C PHE B 203 4.59 13.03 7.06
N SER B 204 3.62 13.09 6.18
CA SER B 204 3.81 13.78 4.91
C SER B 204 2.42 13.99 4.34
N PRO B 205 2.13 15.21 3.85
CA PRO B 205 0.82 15.46 3.23
C PRO B 205 0.45 14.36 2.23
N GLY B 206 -0.65 13.65 2.48
CA GLY B 206 -1.08 12.55 1.64
C GLY B 206 -0.82 11.13 2.17
N PHE B 207 0.01 11.03 3.19
CA PHE B 207 0.41 9.72 3.66
C PHE B 207 -0.46 9.26 4.84
N PHE B 208 -0.93 8.02 4.76
CA PHE B 208 -1.87 7.47 5.73
C PHE B 208 -1.33 7.43 7.18
N PRO B 209 -2.20 7.75 8.17
CA PRO B 209 -3.61 8.21 8.13
C PRO B 209 -3.76 9.74 8.06
N GLY B 210 -2.65 10.47 8.04
CA GLY B 210 -2.65 11.91 7.78
C GLY B 210 -2.46 12.74 9.03
N THR B 211 -2.53 12.08 10.17
CA THR B 211 -2.49 12.73 11.48
C THR B 211 -1.14 12.54 12.15
N GLY B 212 -0.93 13.21 13.28
CA GLY B 212 0.31 13.03 14.03
C GLY B 212 1.46 13.97 13.69
N ASP B 213 1.17 15.23 13.40
CA ASP B 213 2.24 16.22 13.37
C ASP B 213 2.79 16.46 14.77
N VAL B 214 3.95 17.11 14.88
CA VAL B 214 4.59 17.27 16.19
C VAL B 214 3.74 18.21 17.05
N SER B 215 2.87 18.99 16.40
CA SER B 215 2.01 19.93 17.10
C SER B 215 0.77 19.23 17.68
N ASP B 216 0.57 17.97 17.32
CA ASP B 216 -0.55 17.22 17.87
C ASP B 216 -0.12 16.66 19.22
N VAL B 217 -0.69 17.22 20.28
CA VAL B 217 -0.24 16.93 21.65
C VAL B 217 -1.37 16.42 22.54
N GLY B 218 -2.50 16.08 21.93
CA GLY B 218 -3.65 15.63 22.69
C GLY B 218 -4.55 16.81 22.99
N LEU B 219 -5.60 16.57 23.78
CA LEU B 219 -6.69 17.52 23.93
C LEU B 219 -7.19 17.58 25.39
N GLY B 220 -7.73 18.73 25.79
CA GLY B 220 -8.34 18.85 27.10
C GLY B 220 -7.36 18.54 28.22
N LYS B 221 -7.80 17.72 29.18
CA LYS B 221 -6.96 17.31 30.30
C LYS B 221 -5.80 16.42 29.84
N GLY B 222 -5.86 15.94 28.60
CA GLY B 222 -4.78 15.15 28.06
C GLY B 222 -3.76 15.94 27.25
N ARG B 223 -3.90 17.26 27.20
CA ARG B 223 -2.94 18.08 26.46
CA ARG B 223 -2.93 18.07 26.45
C ARG B 223 -1.52 17.85 26.97
N TYR B 224 -0.61 17.56 26.04
CA TYR B 224 0.81 17.25 26.25
C TYR B 224 1.05 15.79 26.67
N TYR B 225 -0.01 14.98 26.71
CA TYR B 225 0.14 13.55 27.01
C TYR B 225 0.00 12.71 25.76
N SER B 226 0.09 13.36 24.60
CA SER B 226 0.35 12.71 23.32
C SER B 226 1.64 13.29 22.73
N VAL B 227 2.53 12.42 22.24
CA VAL B 227 3.79 12.85 21.63
C VAL B 227 3.85 12.26 20.23
N ASN B 228 4.12 13.09 19.24
CA ASN B 228 4.23 12.64 17.86
C ASN B 228 5.54 13.12 17.25
N VAL B 229 6.24 12.18 16.60
CA VAL B 229 7.54 12.44 16.02
C VAL B 229 7.46 12.19 14.52
N PRO B 230 7.19 13.25 13.75
CA PRO B 230 7.07 13.11 12.29
C PRO B 230 8.46 12.91 11.67
N ILE B 231 8.57 11.91 10.82
CA ILE B 231 9.85 11.55 10.22
C ILE B 231 9.66 11.39 8.71
N GLN B 232 10.69 11.70 7.94
CA GLN B 232 10.61 11.59 6.49
C GLN B 232 11.18 10.29 5.96
N ASP B 233 10.97 10.03 4.67
CA ASP B 233 11.46 8.80 4.03
C ASP B 233 12.94 8.61 4.22
N GLY B 234 13.34 7.34 4.32
CA GLY B 234 14.75 7.03 4.13
C GLY B 234 15.53 6.97 5.41
N ILE B 235 14.88 7.11 6.56
CA ILE B 235 15.63 7.09 7.81
C ILE B 235 16.25 5.72 8.04
N GLN B 236 17.48 5.72 8.54
CA GLN B 236 18.20 4.48 8.85
C GLN B 236 18.45 4.36 10.36
N ASP B 237 19.07 3.24 10.75
CA ASP B 237 19.18 2.80 12.14
C ASP B 237 19.74 3.84 13.12
N GLU B 238 20.89 4.43 12.77
CA GLU B 238 21.57 5.29 13.75
C GLU B 238 20.75 6.54 14.07
N LYS B 239 20.24 7.20 13.04
CA LYS B 239 19.47 8.43 13.22
C LYS B 239 18.13 8.14 13.91
N TYR B 240 17.51 7.03 13.54
CA TYR B 240 16.24 6.67 14.14
C TYR B 240 16.44 6.42 15.64
N TYR B 241 17.50 5.71 16.00
CA TYR B 241 17.70 5.41 17.42
C TYR B 241 18.00 6.70 18.16
N GLN B 242 18.75 7.60 17.52
CA GLN B 242 19.09 8.89 18.15
C GLN B 242 17.82 9.65 18.54
N ILE B 243 16.86 9.67 17.61
CA ILE B 243 15.58 10.34 17.81
C ILE B 243 14.77 9.64 18.90
N CYS B 244 14.66 8.33 18.75
CA CYS B 244 13.85 7.54 19.67
C CYS B 244 14.39 7.67 21.09
N GLU B 245 15.70 7.50 21.25
CA GLU B 245 16.28 7.56 22.59
C GLU B 245 16.09 8.95 23.20
N SER B 246 16.30 9.99 22.39
CA SER B 246 16.11 11.36 22.86
CA SER B 246 16.13 11.35 22.88
C SER B 246 14.71 11.57 23.40
N VAL B 247 13.72 11.15 22.63
CA VAL B 247 12.34 11.36 23.00
C VAL B 247 11.99 10.49 24.20
N LEU B 248 12.38 9.24 24.16
CA LEU B 248 12.00 8.35 25.27
C LEU B 248 12.68 8.73 26.59
N LYS B 249 13.90 9.25 26.52
CA LYS B 249 14.58 9.70 27.74
C LYS B 249 13.77 10.82 28.39
N GLU B 250 13.31 11.76 27.57
CA GLU B 250 12.53 12.89 28.05
C GLU B 250 11.18 12.44 28.59
N VAL B 251 10.54 11.53 27.87
CA VAL B 251 9.22 11.05 28.26
C VAL B 251 9.28 10.28 29.58
N TYR B 252 10.30 9.43 29.71
CA TYR B 252 10.46 8.65 30.94
C TYR B 252 10.64 9.57 32.16
N GLN B 253 11.53 10.55 32.04
CA GLN B 253 11.79 11.49 33.12
C GLN B 253 10.55 12.32 33.45
N ALA B 254 9.80 12.72 32.43
CA ALA B 254 8.64 13.58 32.64
C ALA B 254 7.42 12.82 33.16
N PHE B 255 7.23 11.58 32.72
CA PHE B 255 5.97 10.88 32.92
C PHE B 255 6.07 9.76 33.96
N ASN B 256 7.28 9.22 34.12
CA ASN B 256 7.51 8.14 35.07
C ASN B 256 6.49 7.01 34.98
N PRO B 257 6.40 6.39 33.79
CA PRO B 257 5.37 5.37 33.57
C PRO B 257 5.56 4.15 34.49
N LYS B 258 4.46 3.43 34.75
CA LYS B 258 4.49 2.25 35.59
C LYS B 258 4.41 0.96 34.75
N ALA B 259 4.02 1.12 33.49
CA ALA B 259 3.95 -0.01 32.57
C ALA B 259 4.04 0.55 31.16
N VAL B 260 4.44 -0.30 30.22
CA VAL B 260 4.69 0.10 28.85
C VAL B 260 3.99 -0.86 27.90
N VAL B 261 3.36 -0.32 26.85
CA VAL B 261 2.88 -1.14 25.75
C VAL B 261 3.64 -0.67 24.52
N LEU B 262 4.26 -1.61 23.82
CA LEU B 262 5.19 -1.27 22.74
C LEU B 262 4.75 -1.96 21.45
N GLN B 263 4.41 -1.15 20.43
CA GLN B 263 3.97 -1.65 19.15
C GLN B 263 5.16 -1.57 18.20
N LEU B 264 5.51 -2.71 17.59
CA LEU B 264 6.76 -2.80 16.82
C LEU B 264 6.49 -3.18 15.37
N GLY B 265 5.52 -2.50 14.76
CA GLY B 265 5.19 -2.80 13.37
C GLY B 265 6.41 -2.74 12.48
N ALA B 266 6.62 -3.79 11.68
CA ALA B 266 7.84 -3.94 10.90
C ALA B 266 7.74 -3.34 9.48
N ASP B 267 6.74 -2.48 9.25
CA ASP B 267 6.67 -1.85 7.94
C ASP B 267 7.63 -0.65 7.82
N THR B 268 8.51 -0.49 8.81
CA THR B 268 9.62 0.46 8.73
C THR B 268 10.87 -0.16 8.10
N ILE B 269 10.87 -1.49 7.97
CA ILE B 269 12.09 -2.22 7.68
C ILE B 269 12.36 -2.20 6.18
N ALA B 270 13.62 -1.98 5.80
CA ALA B 270 14.04 -2.03 4.39
C ALA B 270 13.45 -3.23 3.69
N GLY B 271 12.88 -3.02 2.50
CA GLY B 271 12.26 -4.12 1.78
C GLY B 271 10.75 -4.17 1.89
N ASP B 272 10.18 -3.38 2.79
CA ASP B 272 8.71 -3.40 2.94
C ASP B 272 8.11 -2.75 1.70
N PRO B 273 6.99 -3.27 1.22
CA PRO B 273 6.37 -2.64 0.04
C PRO B 273 5.93 -1.18 0.25
N MET B 274 5.82 -0.75 1.52
CA MET B 274 5.54 0.65 1.83
C MET B 274 6.72 1.54 1.38
N CYS B 275 7.91 0.94 1.29
CA CYS B 275 9.11 1.60 0.76
C CYS B 275 9.28 3.05 1.23
N SER B 276 9.24 3.25 2.55
CA SER B 276 9.34 4.58 3.14
C SER B 276 10.59 4.71 3.99
N PHE B 277 10.56 4.14 5.19
CA PHE B 277 11.75 4.13 6.03
C PHE B 277 12.74 3.09 5.53
N ASN B 278 13.94 3.09 6.10
CA ASN B 278 14.99 2.20 5.62
C ASN B 278 15.71 1.58 6.79
N MET B 279 14.91 1.03 7.72
CA MET B 279 15.42 0.50 8.98
C MET B 279 15.83 -0.97 8.88
N THR B 280 16.64 -1.43 9.84
CA THR B 280 16.88 -2.87 9.99
C THR B 280 16.40 -3.25 11.39
N PRO B 281 16.23 -4.55 11.66
CA PRO B 281 15.79 -4.95 13.01
C PRO B 281 16.79 -4.55 14.09
N VAL B 282 18.04 -4.35 13.71
CA VAL B 282 19.06 -3.99 14.71
C VAL B 282 18.74 -2.61 15.31
N GLY B 283 18.33 -1.68 14.46
CA GLY B 283 18.01 -0.35 14.94
C GLY B 283 16.77 -0.36 15.83
N ILE B 284 15.73 -1.06 15.39
CA ILE B 284 14.54 -1.21 16.23
C ILE B 284 14.91 -1.92 17.53
N GLY B 285 15.82 -2.89 17.44
CA GLY B 285 16.29 -3.61 18.60
C GLY B 285 16.95 -2.71 19.64
N LYS B 286 17.68 -1.67 19.21
CA LYS B 286 18.26 -0.73 20.15
CA LYS B 286 18.27 -0.73 20.15
C LYS B 286 17.20 0.07 20.91
N CYS B 287 16.12 0.47 20.21
CA CYS B 287 14.98 1.14 20.86
C CYS B 287 14.35 0.20 21.89
N LEU B 288 14.13 -1.04 21.47
CA LEU B 288 13.57 -2.05 22.37
C LEU B 288 14.44 -2.25 23.61
N LYS B 289 15.75 -2.34 23.43
CA LYS B 289 16.65 -2.48 24.56
C LYS B 289 16.53 -1.33 25.56
N TYR B 290 16.38 -0.13 25.03
CA TYR B 290 16.33 1.06 25.88
C TYR B 290 15.10 1.01 26.77
N ILE B 291 13.98 0.58 26.18
CA ILE B 291 12.73 0.42 26.91
C ILE B 291 12.84 -0.70 27.94
N LEU B 292 13.48 -1.81 27.55
CA LEU B 292 13.55 -2.96 28.46
C LEU B 292 14.40 -2.64 29.68
N GLN B 293 15.42 -1.80 29.52
CA GLN B 293 16.27 -1.52 30.70
C GLN B 293 15.54 -0.71 31.76
N TRP B 294 14.34 -0.18 31.48
CA TRP B 294 13.51 0.44 32.51
C TRP B 294 12.98 -0.59 33.52
N GLN B 295 12.97 -1.86 33.11
CA GLN B 295 12.52 -2.96 33.98
CA GLN B 295 12.52 -2.97 33.96
C GLN B 295 11.08 -2.80 34.44
N LEU B 296 10.22 -2.34 33.55
CA LEU B 296 8.79 -2.19 33.83
C LEU B 296 8.03 -3.31 33.17
N ALA B 297 6.80 -3.57 33.65
CA ALA B 297 5.92 -4.50 32.94
C ALA B 297 5.74 -3.98 31.54
N THR B 298 6.01 -4.84 30.56
CA THR B 298 6.05 -4.41 29.16
C THR B 298 5.28 -5.38 28.28
N LEU B 299 4.31 -4.86 27.54
CA LEU B 299 3.51 -5.66 26.64
C LEU B 299 4.02 -5.40 25.24
N ILE B 300 4.47 -6.47 24.56
CA ILE B 300 5.10 -6.35 23.23
C ILE B 300 4.12 -6.77 22.14
N LEU B 301 3.87 -5.89 21.17
CA LEU B 301 2.92 -6.17 20.07
C LEU B 301 3.62 -6.02 18.72
N GLY B 302 3.08 -6.70 17.72
CA GLY B 302 3.52 -6.51 16.34
C GLY B 302 2.76 -5.35 15.70
N GLY B 303 2.23 -5.58 14.51
CA GLY B 303 1.48 -4.55 13.80
C GLY B 303 1.65 -4.71 12.30
N GLY B 304 1.93 -3.60 11.61
CA GLY B 304 2.17 -3.70 10.18
C GLY B 304 3.45 -4.49 9.90
N GLY B 305 3.69 -4.79 8.63
CA GLY B 305 4.88 -5.54 8.24
C GLY B 305 4.38 -6.39 7.08
N TYR B 306 4.66 -5.94 5.85
CA TYR B 306 4.00 -6.51 4.68
C TYR B 306 4.95 -7.26 3.77
N ASN B 307 6.25 -7.17 4.05
CA ASN B 307 7.20 -8.14 3.49
C ASN B 307 7.26 -9.27 4.52
N LEU B 308 6.66 -10.44 4.21
CA LEU B 308 6.38 -11.39 5.30
C LEU B 308 7.67 -11.99 5.85
N ALA B 309 8.59 -12.37 4.96
CA ALA B 309 9.86 -12.92 5.44
C ALA B 309 10.64 -11.89 6.27
N ASN B 310 10.67 -10.64 5.83
CA ASN B 310 11.40 -9.63 6.61
C ASN B 310 10.72 -9.35 7.95
N THR B 311 9.40 -9.41 7.98
CA THR B 311 8.71 -9.20 9.25
C THR B 311 9.03 -10.35 10.22
N ALA B 312 9.03 -11.58 9.74
CA ALA B 312 9.48 -12.69 10.59
C ALA B 312 10.94 -12.52 11.00
N ARG B 313 11.81 -12.07 10.08
CA ARG B 313 13.21 -11.82 10.46
C ARG B 313 13.28 -10.82 11.61
N CYS B 314 12.50 -9.75 11.45
CA CYS B 314 12.52 -8.67 12.42
C CYS B 314 12.03 -9.15 13.80
N TRP B 315 10.84 -9.75 13.85
CA TRP B 315 10.29 -10.06 15.16
C TRP B 315 11.02 -11.23 15.80
N THR B 316 11.62 -12.10 14.99
CA THR B 316 12.46 -13.17 15.55
C THR B 316 13.71 -12.56 16.18
N TYR B 317 14.36 -11.63 15.46
CA TYR B 317 15.51 -10.93 16.03
C TYR B 317 15.16 -10.22 17.34
N LEU B 318 14.03 -9.52 17.35
CA LEU B 318 13.62 -8.79 18.58
C LEU B 318 13.30 -9.75 19.74
N THR B 319 12.76 -10.93 19.41
CA THR B 319 12.56 -11.96 20.45
C THR B 319 13.92 -12.36 21.05
N GLY B 320 14.92 -12.50 20.19
CA GLY B 320 16.28 -12.73 20.65
C GLY B 320 16.77 -11.62 21.57
N VAL B 321 16.48 -10.38 21.19
CA VAL B 321 16.88 -9.23 22.01
C VAL B 321 16.24 -9.31 23.39
N ILE B 322 14.96 -9.61 23.43
CA ILE B 322 14.22 -9.77 24.69
C ILE B 322 14.88 -10.83 25.57
N LEU B 323 15.34 -11.90 24.95
CA LEU B 323 15.92 -13.04 25.67
C LEU B 323 17.41 -12.87 25.93
N GLY B 324 18.02 -11.82 25.40
CA GLY B 324 19.45 -11.59 25.57
C GLY B 324 20.29 -12.61 24.80
N LYS B 325 19.76 -13.09 23.69
CA LYS B 325 20.43 -14.11 22.89
C LYS B 325 20.90 -13.62 21.52
N THR B 326 22.05 -14.14 21.08
CA THR B 326 22.53 -13.85 19.75
CA THR B 326 22.55 -13.86 19.75
C THR B 326 22.16 -15.01 18.83
N LEU B 327 21.48 -14.70 17.73
CA LEU B 327 21.02 -15.73 16.82
C LEU B 327 22.00 -15.96 15.69
N SER B 328 22.07 -17.19 15.21
CA SER B 328 22.83 -17.49 14.03
C SER B 328 22.32 -16.71 12.83
N SER B 329 23.25 -16.26 12.00
CA SER B 329 22.90 -15.51 10.81
CA SER B 329 22.90 -15.51 10.80
CA SER B 329 22.93 -15.51 10.80
C SER B 329 22.20 -16.37 9.76
N GLU B 330 22.53 -17.66 9.71
CA GLU B 330 21.89 -18.53 8.72
CA GLU B 330 21.90 -18.53 8.72
C GLU B 330 20.46 -18.82 9.12
N ILE B 331 19.51 -18.57 8.22
CA ILE B 331 18.13 -18.95 8.48
C ILE B 331 18.09 -20.48 8.58
N PRO B 332 17.60 -21.00 9.72
CA PRO B 332 17.56 -22.46 9.91
C PRO B 332 16.53 -23.12 9.00
N ASP B 333 16.72 -24.38 8.64
CA ASP B 333 15.69 -25.00 7.82
C ASP B 333 14.39 -25.11 8.62
N HIS B 334 13.29 -24.88 7.95
CA HIS B 334 11.97 -24.94 8.56
C HIS B 334 10.95 -24.83 7.43
N GLU B 335 9.66 -24.80 7.76
CA GLU B 335 8.62 -24.89 6.74
C GLU B 335 8.73 -23.81 5.67
N PHE B 336 9.12 -22.61 6.07
CA PHE B 336 9.11 -21.47 5.15
C PHE B 336 10.50 -21.01 4.70
N PHE B 337 11.47 -21.90 4.79
CA PHE B 337 12.84 -21.56 4.38
C PHE B 337 12.91 -20.99 2.97
N THR B 338 12.12 -21.49 2.04
CA THR B 338 12.24 -21.02 0.67
C THR B 338 11.82 -19.55 0.50
N ALA B 339 11.18 -18.98 1.52
CA ALA B 339 10.74 -17.56 1.46
C ALA B 339 11.87 -16.59 1.78
N TYR B 340 13.04 -17.11 2.15
CA TYR B 340 14.08 -16.23 2.72
C TYR B 340 15.15 -15.86 1.72
N GLY B 341 14.86 -15.97 0.44
CA GLY B 341 15.83 -15.61 -0.58
C GLY B 341 15.94 -14.10 -0.78
N PRO B 342 16.97 -13.65 -1.51
CA PRO B 342 17.96 -14.50 -2.17
C PRO B 342 19.15 -14.90 -1.31
N ASP B 343 19.28 -14.42 -0.08
CA ASP B 343 20.49 -14.75 0.65
C ASP B 343 20.32 -15.68 1.86
N TYR B 344 19.09 -15.88 2.32
CA TYR B 344 18.79 -16.88 3.36
C TYR B 344 19.55 -16.63 4.65
N VAL B 345 19.72 -15.34 4.97
CA VAL B 345 20.28 -14.94 6.26
C VAL B 345 19.31 -14.07 7.03
N LEU B 346 19.56 -13.93 8.33
CA LEU B 346 18.65 -13.21 9.20
C LEU B 346 18.76 -11.69 9.08
N GLU B 347 19.98 -11.22 8.76
CA GLU B 347 20.24 -9.77 8.65
C GLU B 347 19.58 -9.16 7.42
N ILE B 348 19.13 -7.92 7.54
CA ILE B 348 18.51 -7.21 6.44
C ILE B 348 19.41 -6.04 6.02
N THR B 349 19.67 -5.93 4.74
CA THR B 349 20.52 -4.85 4.20
C THR B 349 19.68 -3.62 3.82
N PRO B 350 20.08 -2.43 4.26
CA PRO B 350 19.30 -1.23 3.88
C PRO B 350 19.29 -1.02 2.37
N SER B 351 18.20 -0.46 1.85
CA SER B 351 18.11 -0.12 0.43
C SER B 351 19.04 1.04 0.10
N CYS B 352 19.47 1.12 -1.15
CA CYS B 352 20.33 2.22 -1.57
CA CYS B 352 20.33 2.21 -1.58
C CYS B 352 19.49 3.39 -2.04
N ARG B 353 18.84 4.06 -1.09
CA ARG B 353 18.14 5.28 -1.43
C ARG B 353 18.35 6.32 -0.32
N PRO B 354 18.07 7.60 -0.63
CA PRO B 354 18.51 8.64 0.29
C PRO B 354 17.68 8.80 1.55
N ASP B 355 18.33 9.32 2.57
CA ASP B 355 17.69 9.71 3.82
C ASP B 355 17.25 11.15 3.68
N ARG B 356 15.93 11.37 3.70
CA ARG B 356 15.39 12.71 3.46
C ARG B 356 15.26 13.53 4.74
N ASN B 357 15.73 12.99 5.85
CA ASN B 357 15.66 13.72 7.11
C ASN B 357 16.85 14.63 7.32
N GLU B 358 16.56 15.90 7.31
CA GLU B 358 17.60 16.91 7.52
C GLU B 358 17.86 17.01 9.01
N PRO B 359 19.14 16.86 9.43
CA PRO B 359 19.48 16.88 10.85
C PRO B 359 18.95 18.12 11.57
N HIS B 360 18.95 19.27 10.90
CA HIS B 360 18.52 20.48 11.60
CA HIS B 360 18.49 20.50 11.55
C HIS B 360 16.98 20.45 11.81
N ARG B 361 16.23 19.84 10.90
CA ARG B 361 14.78 19.66 11.11
C ARG B 361 14.46 18.65 12.23
N ILE B 362 15.20 17.54 12.26
CA ILE B 362 15.06 16.57 13.34
C ILE B 362 15.32 17.27 14.69
N GLN B 363 16.37 18.09 14.76
CA GLN B 363 16.66 18.77 16.01
C GLN B 363 15.52 19.71 16.43
N GLN B 364 14.93 20.38 15.46
CA GLN B 364 13.77 21.25 15.71
C GLN B 364 12.59 20.51 16.33
N ILE B 365 12.32 19.31 15.81
CA ILE B 365 11.25 18.47 16.31
C ILE B 365 11.55 18.04 17.73
N LEU B 366 12.77 17.61 17.97
CA LEU B 366 13.16 17.18 19.31
C LEU B 366 13.04 18.36 20.28
N ASN B 367 13.49 19.55 19.88
CA ASN B 367 13.37 20.70 20.77
C ASN B 367 11.91 21.03 21.11
N TYR B 368 11.04 20.93 20.11
CA TYR B 368 9.61 21.18 20.29
C TYR B 368 8.99 20.18 21.27
N ILE B 369 9.31 18.90 21.10
CA ILE B 369 8.82 17.88 22.03
C ILE B 369 9.32 18.14 23.47
N LYS B 370 10.60 18.48 23.61
CA LYS B 370 11.15 18.78 24.93
C LYS B 370 10.38 19.92 25.60
N GLY B 371 10.07 20.95 24.83
CA GLY B 371 9.21 22.02 25.31
C GLY B 371 7.83 21.54 25.78
N ASN B 372 7.21 20.68 24.97
CA ASN B 372 5.90 20.13 25.29
C ASN B 372 5.90 19.36 26.61
N LEU B 373 6.97 18.59 26.84
CA LEU B 373 7.02 17.68 27.97
C LEU B 373 7.27 18.43 29.27
N LYS B 374 7.78 19.67 29.17
CA LYS B 374 7.94 20.51 30.35
C LYS B 374 6.62 20.69 31.09
N HIS B 375 5.50 20.62 30.37
CA HIS B 375 4.16 20.77 30.93
C HIS B 375 3.66 19.52 31.66
N VAL B 376 4.28 18.38 31.39
CA VAL B 376 3.85 17.13 31.99
C VAL B 376 4.30 17.08 33.44
N VAL B 377 3.36 16.81 34.32
CA VAL B 377 3.66 16.71 35.75
C VAL B 377 3.20 15.36 36.26
N ILE B 378 4.00 14.72 37.10
CA ILE B 378 3.65 13.40 37.59
C ILE B 378 2.69 13.54 38.75
N GLU B 379 1.48 13.03 38.57
CA GLU B 379 0.47 13.05 39.62
C GLU B 379 -0.02 11.63 39.88
N GLY B 380 -0.42 11.37 41.12
CA GLY B 380 -0.97 10.07 41.47
C GLY B 380 -2.45 10.05 41.18
N ARG B 381 -3.15 9.08 41.75
CA ARG B 381 -4.60 9.01 41.60
C ARG B 381 -5.26 10.19 42.32
N GLY B 382 -5.91 11.07 41.56
CA GLY B 382 -6.64 12.20 42.12
C GLY B 382 -5.75 13.26 42.75
C1 L6G C . 0.40 -1.16 -9.01
C2 L6G C . -0.14 -0.95 -7.57
C3 L6G C . 0.90 -1.43 -6.57
C4 L6G C . 0.54 -2.34 -5.65
C5 L6G C . 1.50 -2.87 -4.61
C6 L6G C . 0.35 -2.50 -2.50
C7 L6G C . -0.39 -3.06 -1.32
C8 L6G C . 0.22 -2.45 -0.03
C9 L6G C . 1.72 -2.70 0.11
C10 L6G C . -0.44 -2.96 1.26
C11 L6G C . -1.23 -5.31 -0.85
C12 L6G C . -0.93 -6.79 -0.73
C13 L6G C . -2.04 -7.53 -1.48
C14 L6G C . -0.90 -7.10 0.78
C15 L6G C . 1.31 -7.19 -0.40
C16 L6G C . 2.71 -7.21 -0.85
C17 L6G C . 3.77 -7.81 -0.16
C18 L6G C . 4.32 -6.70 -2.36
C19 L6G C . 5.00 -6.17 -3.60
C20 L6G C . 3.48 -4.43 -4.31
C21 L6G C . 2.32 -4.02 -5.20
N1 L6G C . 0.78 -3.36 -3.42
N2 L6G C . -0.24 -4.50 -1.23
N3 L6G C . 0.39 -7.10 -1.27
N4 L6G C . 3.04 -6.64 -2.03
N5 L6G C . 3.88 -5.69 -4.40
O1 L6G C . 0.53 -1.29 -2.56
O2 L6G C . -2.34 -4.87 -0.56
O3 L6G C . 4.03 -3.64 -3.55
S1 L6G C . -0.69 -0.27 -10.21
S2 L6G C . 0.81 -7.25 1.20
S3 L6G C . 5.18 -7.56 -1.12
ZN ZN D . 0.41 1.72 -10.29
K K E . 4.39 3.84 -15.82
K K F . 9.79 -3.74 -27.58
N1 IMD G . 2.53 2.87 -0.30
C2 IMD G . 2.76 1.73 -0.98
N3 IMD G . 1.61 0.98 -0.96
C4 IMD G . 0.68 1.66 -0.25
C5 IMD G . 1.25 2.85 0.17
C1 GOL H . -10.41 20.20 -21.02
O1 GOL H . -11.20 19.27 -21.71
C2 GOL H . -9.33 20.70 -21.96
O2 GOL H . -9.71 20.43 -23.29
C3 GOL H . -9.11 22.19 -21.77
O3 GOL H . -8.40 22.40 -20.58
C1 L6G I . -1.17 0.32 8.29
C2 L6G I . -1.14 -0.33 6.91
C3 L6G I . -1.68 0.61 5.85
C4 L6G I . -2.72 0.26 5.07
C5 L6G I . -3.26 1.23 4.01
C6 L6G I . -3.00 0.17 1.85
C7 L6G I . -3.60 -0.56 0.67
C8 L6G I . -3.04 0.13 -0.60
C9 L6G I . -3.46 1.61 -0.72
C10 L6G I . -3.43 -0.64 -1.86
C11 L6G I . -5.82 -1.55 0.19
C12 L6G I . -7.33 -1.36 0.09
C13 L6G I . -8.06 -2.43 0.91
C14 L6G I . -7.71 -1.41 -1.41
C15 L6G I . -7.74 0.84 -0.32
C16 L6G I . -7.67 2.24 0.09
C17 L6G I . -8.05 3.32 -0.71
C18 L6G I . -7.11 3.87 1.58
C19 L6G I . -6.64 4.61 2.79
C20 L6G I . -4.80 3.18 3.60
C21 L6G I . -4.40 2.07 4.57
N1 L6G I . -3.83 0.52 2.85
N2 L6G I . -5.08 -0.48 0.61
N3 L6G I . -7.63 -0.03 0.57
N4 L6G I . -7.16 2.56 1.33
N5 L6G I . -6.06 3.57 3.65
O1 L6G I . -1.79 0.39 1.86
O2 L6G I . -5.32 -2.62 -0.15
O3 L6G I . -3.97 3.67 2.81
S1 L6G I . -0.16 -0.68 9.46
S2 L6G I . -7.88 0.28 -1.90
S3 L6G I . -7.72 4.73 0.20
ZN ZN J . 1.85 0.46 9.49
K K K . 4.14 4.75 14.75
K K L . -3.02 10.72 26.41
#